data_2JUK
#
_entry.id   2JUK
#
_cell.length_a   1.000
_cell.length_b   1.000
_cell.length_c   1.000
_cell.angle_alpha   90.00
_cell.angle_beta   90.00
_cell.angle_gamma   90.00
#
_symmetry.space_group_name_H-M   'P 1'
#
loop_
_entity.id
_entity.type
_entity.pdbx_description
1 polymer 'HIV-1 frameshift site RNA'
2 non-polymer '(1S,2R,3S,4R,6S)-4,6-bis{[amino(iminio)methyl]amino}-2-{[3-O-(2,6-bis{[amino(iminio)methyl]amino}-2,6-dideoxy-beta-L-glucopyranosyl)-beta-D-arabinofuranosyl]oxy}-3-hydroxycyclohexyl 2,6-bis{[amino(iminio)methyl]amino}-2,6-dideoxy-beta-L-glucopyranoside'
#
_entity_poly.entity_id   1
_entity_poly.type   'polyribonucleotide'
_entity_poly.pdbx_seq_one_letter_code
;GGCCUUCCCACAAGGGAAGGCC
;
_entity_poly.pdbx_strand_id   A
#
loop_
_chem_comp.id
_chem_comp.type
_chem_comp.name
_chem_comp.formula
A RNA linking ADENOSINE-5'-MONOPHOSPHATE 'C10 H14 N5 O7 P'
C RNA linking CYTIDINE-5'-MONOPHOSPHATE 'C9 H14 N3 O8 P'
G RNA linking GUANOSINE-5'-MONOPHOSPHATE 'C10 H14 N5 O8 P'
G0B non-polymer '(1S,2R,3S,4R,6S)-4,6-bis{[amino(iminio)methyl]amino}-2-{[3-O-(2,6-bis{[amino(iminio)methyl]amino}-2,6-dideoxy-beta-L-glucopyranosyl)-beta-D-arabinofuranosyl]oxy}-3-hydroxycyclohexyl 2,6-bis{[amino(iminio)methyl]amino}-2,6-dideoxy-beta-L-glucopyranoside' 'C29 H64 N18 O13 6'
U RNA linking URIDINE-5'-MONOPHOSPHATE 'C9 H13 N2 O9 P'
#
# COMPACT_ATOMS: atom_id res chain seq x y z
C1 G0B B . -1.01 1.58 -0.19
O18 G0B B . -0.67 2.95 -0.32
C2 G0B B . -2.05 1.24 -1.25
N8 G0B B . -1.50 1.49 -2.60
C3 G0B B . -2.47 -0.22 -1.09
O16 G0B B . -3.61 -0.45 -1.92
C4 G0B B . -2.87 -0.53 0.34
O17 G0B B . -2.99 -1.95 0.46
C5 G0B B . -1.79 -0.06 1.32
O7 G0B B . -1.57 1.32 1.09
C6 G0B B . -2.19 -0.19 2.78
C19 G0B B . 1.24 5.56 1.06
N25 G0B B . 0.79 6.66 1.91
C24 G0B B . 1.05 4.19 1.72
C23 G0B B . 1.50 3.10 0.76
O34 G0B B . 1.35 1.84 1.38
C22 G0B B . 0.71 3.14 -0.55
C21 G0B B . 0.89 4.51 -1.18
N29 G0B B . 0.12 4.59 -2.43
C20 G0B B . 0.47 5.62 -0.25
C35 G0B B . 2.48 1.02 1.18
C36 G0B B . 2.26 -0.29 1.92
C37 G0B B . 1.94 -1.27 0.82
C38 G0B B . 2.81 -0.73 -0.30
O40 G0B B . 2.68 0.68 -0.20
C39 G0B B . 2.40 -1.19 -1.69
C47 G0B B . 0.03 -5.87 0.10
C46 G0B B . 0.36 -5.71 1.58
C45 G0B B . 1.53 -4.75 1.75
C44 G0B B . 1.23 -3.44 1.04
O43 G0B B . 2.33 -2.58 1.19
C48 G0B B . -0.17 -4.50 -0.54
O50 G0B B . 1.00 -3.72 -0.33
C49 G0B B . -0.44 -4.54 -2.03
N12 G0B B . -2.41 -1.59 3.19
O41 G0B B . 1.15 -0.18 2.81
O59 G0B B . 0.77 -6.99 2.09
O60 G0B B . -1.20 -6.58 -0.01
O42 G0B B . 1.08 -0.70 -1.96
O33 G0B B . 1.90 4.12 2.87
N55 G0B B . -0.40 -3.20 -2.63
N51 G0B B . 1.79 -4.51 3.18
C9 G0B B . -2.22 1.68 -3.71
N10 G0B B . -1.60 1.92 -4.86
N11 G0B B . -3.54 1.66 -3.70
C13 G0B B . -1.57 -2.33 3.91
N14 G0B B . -0.39 -1.87 4.29
N15 G0B B . -1.92 -3.56 4.26
C26 G0B B . 1.51 7.23 2.89
N27 G0B B . 1.03 8.29 3.52
N28 G0B B . 2.70 6.76 3.22
C30 G0B B . 0.43 5.37 -3.46
N31 G0B B . -0.33 5.37 -4.54
N32 G0B B . 1.50 6.17 -3.43
C52 G0B B . 2.99 -4.40 3.75
N53 G0B B . 4.10 -4.47 3.02
N54 G0B B . 3.08 -4.22 5.05
C56 G0B B . -1.01 -2.84 -3.74
N57 G0B B . -0.88 -1.60 -4.19
N58 G0B B . -1.76 -3.70 -4.42
HN58 G0B B . -1.87 -4.64 -4.09
HN5A G0B B . -2.22 -3.40 -5.27
HN55 G0B B . 0.13 -2.50 -2.13
H49 G0B B . -1.43 -4.99 -2.23
H49A G0B B . 0.31 -5.15 -2.54
H48 G0B B . -1.02 -3.99 -0.06
H44 G0B B . 0.32 -2.97 1.47
H37 G0B B . 0.88 -1.22 0.55
H36 G0B B . 3.17 -0.59 2.46
HO41 G0B B . 1.29 0.58 3.39
H35 G0B B . 3.39 1.50 1.59
H38 G0B B . 3.85 -1.00 -0.11
H39 G0B B . 2.41 -2.28 -1.75
H39A G0B B . 3.10 -0.80 -2.44
HO42 G0B B . 1.12 0.27 -1.95
H23 G0B B . 2.57 3.26 0.53
H24 G0B B . 0.01 4.04 2.00
HO33 G0B B . 1.79 3.25 3.29
HN25 G0B B . -0.14 7.02 1.74
HN28 G0B B . 3.26 7.23 3.93
HN2A G0B B . 3.06 5.92 2.78
H20 G0B B . 0.63 6.59 -0.73
H20A G0B B . -0.61 5.54 -0.05
H21 G0B B . 1.95 4.63 -1.43
HN29 G0B B . -0.70 4.01 -2.49
HN32 G0B B . 1.71 6.74 -4.23
HN3A G0B B . 2.09 6.19 -2.62
H1 G0B B . -0.11 0.95 -0.32
H5 G0B B . -0.87 -0.61 1.14
H6 G0B B . -3.12 0.36 2.95
H6A G0B B . -1.42 0.24 3.42
HN12 G0B B . -3.28 -2.02 2.90
HN15 G0B B . -2.84 -3.90 4.03
HN1A G0B B . -1.26 -4.13 4.78
H4 G0B B . -3.83 -0.04 0.58
HO17 G0B B . -3.74 -2.26 -0.08
H3 G0B B . -1.65 -0.87 -1.40
HO16 G0B B . -3.87 -1.38 -1.88
H2 G0B B . -2.92 1.88 -1.10
HN8 G0B B . -0.50 1.52 -2.69
HN11 G0B B . -4.05 1.85 -4.55
HN1B G0B B . -4.02 1.42 -2.85
H45 G0B B . 2.42 -5.19 1.30
HN51 G0B B . 0.99 -4.43 3.80
HN54 G0B B . 2.24 -4.14 5.61
HN5B G0B B . 3.99 -4.15 5.49
H46 G0B B . -0.51 -5.34 2.12
HO59 G0B B . 0.03 -7.61 2.03
H47 G0B B . 0.83 -6.42 -0.40
HO60 G0B B . -1.09 -7.47 0.33
H22 G0B B . 1.09 2.37 -1.24
H19 G0B B . 2.30 5.71 0.84
HN10 G0B B . -2.14 2.05 -5.70
HN14 G0B B . -0.08 -0.96 3.97
HN27 G0B B . 0.14 8.68 3.25
HN31 G0B B . -0.12 5.99 -5.30
HN53 G0B B . 4.05 -4.60 2.03
HN57 G0B B . -1.35 -1.31 -5.03
HN3B G0B B . -1.13 4.75 -4.60
HN2B G0B B . 1.56 8.70 4.28
HN5C G0B B . -0.30 -0.95 -3.67
HN1C G0B B . -0.59 1.96 -4.90
HN5D G0B B . 5.00 -4.40 3.49
HN1D G0B B . 0.20 -2.44 4.88
C1 G0B B . 0.38 2.13 0.49
O18 G0B B . 1.37 2.40 -0.47
C2 G0B B . 1.09 1.97 1.83
N8 G0B B . 1.69 3.25 2.24
C3 G0B B . 0.16 1.44 2.91
O16 G0B B . 0.54 0.10 3.21
C4 G0B B . -1.28 1.39 2.43
O17 G0B B . -1.73 2.74 2.33
C5 G0B B . -1.47 0.74 1.06
O7 G0B B . -0.33 0.94 0.23
C6 G0B B . -1.68 -0.76 1.17
C19 G0B B . 2.23 5.09 -2.20
N25 G0B B . 2.99 6.18 -1.56
C24 G0B B . 3.03 3.78 -2.19
C23 G0B B . 2.18 2.63 -2.70
O34 G0B B . 2.94 1.43 -2.82
C22 G0B B . 0.93 2.47 -1.83
C21 G0B B . 0.12 3.75 -2.04
N29 G0B B . -1.21 3.69 -1.42
C20 G0B B . 0.90 4.95 -1.49
C35 G0B B . 3.34 0.85 -1.61
C36 G0B B . 2.54 -0.41 -1.37
C37 G0B B . 3.38 -1.11 -0.33
C38 G0B B . 4.79 -0.62 -0.62
O40 G0B B . 4.68 0.42 -1.61
C39 G0B B . 5.68 -1.72 -1.18
C47 G0B B . 3.01 -1.66 4.87
C46 G0B B . 2.72 -2.81 3.91
C45 G0B B . 2.45 -2.30 2.50
C44 G0B B . 3.46 -1.22 2.06
O43 G0B B . 2.93 -0.58 0.91
C48 G0B B . 4.13 -0.80 4.30
O50 G0B B . 3.64 -0.26 3.08
C49 G0B B . 4.58 0.36 5.16
N12 G0B B . -2.43 -1.28 0.02
O41 G0B B . 2.55 -1.22 -2.57
O59 G0B B . 1.54 -3.46 4.36
O60 G0B B . 3.45 -2.22 6.11
O42 G0B B . 6.96 -1.15 -1.46
O33 G0B B . 4.15 3.90 -3.07
N55 G0B B . 5.36 -0.11 6.32
N51 G0B B . 2.44 -3.42 1.55
C9 G0B B . 3.00 3.50 2.29
N10 G0B B . 3.42 4.71 2.65
N11 G0B B . 3.89 2.57 1.99
C13 G0B B . -3.75 -1.28 -0.06
N14 G0B B . -4.50 -0.83 0.93
N15 G0B B . -4.36 -1.75 -1.15
C26 G0B B . 3.95 6.90 -2.16
N27 G0B B . 4.34 6.64 -3.39
N28 G0B B . 4.52 7.90 -1.51
C30 G0B B . -2.19 2.89 -1.86
N31 G0B B . -2.02 2.07 -2.88
N32 G0B B . -3.37 2.92 -1.25
C52 G0B B . 1.37 -4.17 1.26
N53 G0B B . 0.22 -3.97 1.90
N54 G0B B . 1.45 -5.11 0.34
C56 G0B B . 6.32 0.58 6.92
N57 G0B B . 6.63 1.82 6.53
N58 G0B B . 6.99 0.04 7.92
HN58 G0B B . 6.77 -0.90 8.22
HN5A G0B B . 7.73 0.55 8.38
HN55 G0B B . 5.16 -1.03 6.67
H49 G0B B . 3.72 0.93 5.53
H49A G0B B . 5.21 1.03 4.57
H48 G0B B . 5.00 -1.42 4.08
H44 G0B B . 4.44 -1.67 1.82
H37 G0B B . 3.28 -2.19 -0.36
H36 G0B B . 1.52 -0.22 -1.03
HO41 G0B B . 2.17 -0.71 -3.29
H35 G0B B . 3.21 1.57 -0.77
H38 G0B B . 5.25 -0.21 0.29
H39 G0B B . 5.26 -2.13 -2.11
H39A G0B B . 5.79 -2.52 -0.46
HO42 G0B B . 6.85 -0.41 -2.07
H23 G0B B . 1.84 2.90 -3.71
H24 G0B B . 3.38 3.56 -1.17
HO33 G0B B . 4.63 3.05 -3.12
HN25 G0B B . 2.77 6.40 -0.60
HN28 G0B B . 5.26 8.43 -1.98
HN2A G0B B . 4.24 8.13 -0.57
H20 G0B B . 0.31 5.86 -1.62
H20A G0B B . 1.06 4.83 -0.42
H21 G0B B . -0.03 3.90 -3.11
HN29 G0B B . -1.38 4.28 -0.64
HN32 G0B B . -4.11 2.30 -1.56
HN3A G0B B . -3.53 3.56 -0.48
H1 G0B B . -0.33 2.98 0.56
H5 G0B B . -2.35 1.18 0.60
H6 G0B B . -2.23 -1.01 2.09
H6A G0B B . -0.70 -1.27 1.23
HN12 G0B B . -1.89 -1.64 -0.76
HN15 G0B B . -3.80 -2.10 -1.93
HN1A G0B B . -5.36 -1.75 -1.20
H4 G0B B . -1.91 0.88 3.17
HO17 G0B B . -1.68 3.17 3.19
H3 G0B B . 0.25 2.04 3.82
HO16 G0B B . 0.04 -0.23 3.97
H2 G0B B . 1.89 1.24 1.69
HN8 G0B B . 1.05 3.99 2.50
HN11 G0B B . 4.87 2.79 2.02
HN1B G0B B . 3.58 1.64 1.75
H45 G0B B . 1.47 -1.84 2.50
HN51 G0B B . 3.30 -3.64 1.07
HN54 G0B B . 2.32 -5.27 -0.14
HN5B G0B B . 0.63 -5.66 0.13
H46 G0B B . 3.56 -3.51 3.91
HO59 G0B B . 1.57 -3.59 5.32
H47 G0B B . 2.11 -1.07 5.03
HO60 G0B B . 2.71 -2.68 6.53
H22 G0B B . 0.37 1.58 -2.10
H19 G0B B . 2.05 5.38 -3.24
HN10 G0B B . 4.40 4.90 2.69
HN14 G0B B . -4.06 -0.49 1.77
HN27 G0B B . 5.05 7.23 -3.82
HN31 G0B B . -2.78 1.47 -3.18
HN53 G0B B . 0.16 -3.29 2.63
HN57 G0B B . 7.37 2.32 7.00
HN3B G0B B . -1.13 2.04 -3.36
HN2B G0B B . 3.93 5.87 -3.91
HN5C G0B B . 6.13 2.25 5.77
HN1C G0B B . 2.75 5.42 2.88
HN5D G0B B . -0.60 -4.51 1.63
HN1D G0B B . -5.50 -0.82 0.85
C1 G0B B . -0.62 0.70 -1.19
O18 G0B B . -0.51 2.01 -0.69
C2 G0B B . -2.00 0.59 -1.86
N8 G0B B . -2.00 1.40 -3.10
C3 G0B B . -2.38 -0.86 -2.16
O16 G0B B . -3.79 -0.94 -2.38
C4 G0B B . -2.06 -1.77 -0.99
O17 G0B B . -2.22 -3.13 -1.41
C5 G0B B . -0.61 -1.57 -0.61
O7 G0B B . -0.49 -0.24 -0.15
C6 G0B B . -0.09 -2.52 0.46
C19 G0B B . 1.26 3.82 1.54
N25 G0B B . 0.87 3.89 2.96
C24 G0B B . 1.63 2.38 1.16
C23 G0B B . 1.88 2.26 -0.34
O34 G0B B . 2.19 0.91 -0.68
C22 G0B B . 0.65 2.71 -1.12
C21 G0B B . 0.40 4.18 -0.79
N29 G0B B . -0.73 4.66 -1.58
C20 G0B B . 0.11 4.34 0.69
C35 G0B B . 3.16 0.85 -1.72
C36 G0B B . 3.15 -0.55 -2.33
C37 G0B B . 2.45 -0.35 -3.66
C38 G0B B . 2.89 1.05 -4.01
O40 G0B B . 2.87 1.76 -2.77
C39 G0B B . 2.03 1.76 -5.04
C47 G0B B . 0.96 -4.78 -5.58
C46 G0B B . 2.43 -4.90 -5.21
C45 G0B B . 3.09 -3.53 -5.31
C44 G0B B . 2.30 -2.52 -4.49
O43 G0B B . 2.93 -1.26 -4.62
C48 G0B B . 0.27 -3.71 -4.76
O50 G0B B . 0.96 -2.47 -4.97
C49 G0B B . -1.18 -3.50 -5.12
N12 G0B B . -0.83 -2.37 1.74
O41 G0B B . 2.41 -1.47 -1.52
O59 G0B B . 3.06 -5.78 -6.15
O60 G0B B . 0.32 -6.03 -5.27
O42 G0B B . 0.69 1.85 -4.52
O33 G0B B . 2.86 2.05 1.82
N55 G0B B . -1.36 -3.11 -6.54
N51 G0B B . 4.49 -3.60 -4.89
C9 G0B B . -3.06 1.79 -3.81
N10 G0B B . -2.90 2.49 -4.90
N11 G0B B . -4.30 1.46 -3.43
C13 G0B B . -0.24 -2.34 2.93
N14 G0B B . 1.07 -2.43 3.07
N15 G0B B . -0.99 -2.25 4.02
C26 G0B B . 1.72 4.11 3.96
N27 G0B B . 3.01 4.29 3.74
N28 G0B B . 1.27 4.15 5.21
C30 G0B B . -0.64 5.04 -2.85
N31 G0B B . -1.73 5.42 -3.50
N32 G0B B . 0.53 5.06 -3.48
C52 G0B B . 5.48 -2.91 -5.46
N53 G0B B . 5.25 -2.06 -6.44
N54 G0B B . 6.73 -3.07 -5.04
C56 G0B B . -1.67 -3.96 -7.52
N57 G0B B . -1.79 -5.26 -7.29
N58 G0B B . -1.85 -3.50 -8.75
HN58 G0B B . -1.77 -2.51 -8.95
HN5A G0B B . -2.08 -4.15 -9.50
HN55 G0B B . -1.23 -2.14 -6.77
H49 G0B B . -1.62 -2.71 -4.50
H49A G0B B . -1.75 -4.42 -4.93
H48 G0B B . 0.34 -3.96 -3.69
H44 G0B B . 2.31 -2.82 -3.41
H37 G0B B . 1.36 -0.41 -3.55
H36 G0B B . 4.17 -0.90 -2.48
HO41 G0B B . 2.80 -1.51 -0.64
H35 G0B B . 4.16 1.06 -1.30
H38 G0B B . 3.93 1.03 -4.37
H39 G0B B . 2.02 1.20 -5.97
H39A G0B B . 2.40 2.77 -5.22
HO42 G0B B . 0.14 2.27 -5.20
H23 G0B B . 2.73 2.89 -0.59
H24 G0B B . 0.84 1.70 1.47
HO33 G0B B . 3.11 1.15 1.59
HN25 G0B B . -0.10 3.76 3.18
HN28 G0B B . 1.90 4.33 5.96
HN2A G0B B . 0.29 4.00 5.40
H20 G0B B . -0.07 5.39 0.92
H20A G0B B . -0.81 3.79 0.95
H21 G0B B . 1.28 4.77 -1.05
HN29 G0B B . -1.63 4.69 -1.13
HN32 G0B B . 0.57 5.40 -4.44
HN3A G0B B . 1.36 4.75 -3.02
H1 G0B B . 0.17 0.53 -1.94
H5 G0B B . 0.02 -1.70 -1.50
H6 G0B B . 0.98 -2.31 0.64
H6A G0B B . -0.18 -3.55 0.13
HN12 G0B B . -1.83 -2.28 1.69
HN15 G0B B . -1.99 -2.20 3.94
HN1A G0B B . -0.54 -2.21 4.92
H4 G0B B . -2.72 -1.54 -0.15
HO17 G0B B . -3.15 -3.30 -1.59
H3 G0B B . -1.84 -1.20 -3.05
HO16 G0B B . -4.03 -1.84 -2.63
H2 G0B B . -2.74 1.00 -1.17
HN8 G0B B . -1.09 1.67 -3.45
HN11 G0B B . -5.08 1.81 -3.96
HN1B G0B B . -4.44 0.88 -2.63
H45 G0B B . 3.04 -3.22 -6.36
HN51 G0B B . 4.72 -4.21 -4.12
HN54 G0B B . 6.93 -3.72 -4.29
HN5B G0B B . 7.47 -2.54 -5.47
H46 G0B B . 2.54 -5.29 -4.20
HO59 G0B B . 2.70 -6.66 -6.07
H47 G0B B . 0.86 -4.58 -6.64
HO60 G0B B . 0.71 -6.75 -5.79
H22 G0B B . 0.80 2.58 -2.19
H19 G0B B . 2.12 4.49 1.38
HN10 G0B B . -3.70 2.74 -5.48
HN14 G0B B . 1.67 -2.48 2.26
HN27 G0B B . 3.64 4.48 4.52
HN31 G0B B . -1.67 5.70 -4.46
HN53 G0B B . 4.29 -1.89 -6.75
HN57 G0B B . -2.04 -5.88 -8.03
HN3B G0B B . -2.62 5.43 -3.02
HN2B G0B B . 3.38 4.24 2.80
HN5C G0B B . -1.63 -5.62 -6.36
HN1C G0B B . -1.98 2.81 -5.18
HN5D G0B B . 6.00 -1.57 -6.89
HN1D G0B B . 1.47 -2.43 4.00
C1 G0B B . -1.32 0.58 1.06
O18 G0B B . -0.21 1.31 0.55
C2 G0B B . -0.85 -0.07 2.36
N8 G0B B . -0.51 0.97 3.35
C3 G0B B . -1.94 -0.98 2.92
O16 G0B B . -1.39 -1.77 3.99
C4 G0B B . -2.49 -1.91 1.87
O17 G0B B . -3.66 -2.54 2.40
C5 G0B B . -2.90 -1.11 0.64
O7 G0B B . -1.76 -0.43 0.17
C6 G0B B . -3.40 -1.98 -0.50
C19 G0B B . 1.06 4.05 -1.16
N25 G0B B . 1.45 5.34 -0.57
C24 G0B B . 1.87 2.89 -0.57
C23 G0B B . 1.43 1.55 -1.14
O34 G0B B . 2.16 0.55 -0.44
C22 G0B B . -0.06 1.33 -0.87
C21 G0B B . -0.87 2.49 -1.46
N29 G0B B . -2.30 2.33 -1.22
C20 G0B B . -0.41 3.82 -0.88
C35 G0B B . 2.38 -0.66 -1.15
C36 G0B B . 2.29 -1.79 -0.13
C37 G0B B . 0.85 -2.22 -0.29
C38 G0B B . 0.75 -2.15 -1.80
O40 G0B B . 1.38 -0.92 -2.13
C39 G0B B . -0.65 -2.16 -2.41
C47 G0B B . 1.14 -4.55 4.18
C46 G0B B . 1.36 -5.64 3.13
C45 G0B B . 0.77 -5.25 1.79
C44 G0B B . 1.18 -3.83 1.42
O43 G0B B . 0.59 -3.53 0.18
C48 G0B B . 1.58 -3.22 3.60
O50 G0B B . 0.78 -2.96 2.46
C49 G0B B . 1.52 -2.03 4.55
N12 G0B B . -4.81 -2.34 -0.33
O41 G0B B . 2.53 -1.28 1.19
O59 G0B B . 0.71 -6.83 3.58
O60 G0B B . 1.96 -4.87 5.31
O42 G0B B . -1.21 -3.47 -2.22
O33 G0B B . 3.25 3.06 -0.91
N55 G0B B . 2.84 -1.40 4.68
N51 G0B B . 1.18 -6.22 0.75
C9 G0B B . 0.69 1.55 3.48
N10 G0B B . 1.70 1.21 2.69
N11 G0B B . 0.86 2.47 4.41
C13 G0B B . -5.48 -3.19 -1.10
N14 G0B B . -4.87 -3.80 -2.12
N15 G0B B . -6.76 -3.42 -0.87
C26 G0B B . 2.50 6.07 -0.97
N27 G0B B . 3.32 5.64 -1.92
N28 G0B B . 2.72 7.25 -0.41
C30 G0B B . -3.11 1.55 -1.94
N31 G0B B . -2.64 0.87 -2.99
N32 G0B B . -4.39 1.46 -1.63
C52 G0B B . 0.42 -6.60 -0.28
N53 G0B B . -0.80 -6.10 -0.45
N54 G0B B . 0.88 -7.51 -1.12
C56 G0B B . 3.63 -1.49 5.76
N57 G0B B . 4.82 -0.90 5.76
N58 G0B B . 3.26 -2.16 6.84
HN58 G0B B . 2.36 -2.62 6.88
HN5A G0B B . 3.89 -2.21 7.62
HN55 G0B B . 3.17 -0.86 3.89
H49 G0B B . 1.15 -2.32 5.53
H49A G0B B . 0.84 -1.28 4.15
H48 G0B B . 2.63 -3.32 3.28
H44 G0B B . 2.27 -3.75 1.32
H37 G0B B . 0.18 -1.51 0.20
H36 G0B B . 2.98 -2.60 -0.37
HO41 G0B B . 3.43 -0.93 1.24
H35 G0B B . 3.38 -0.65 -1.61
H38 G0B B . 1.34 -2.97 -2.24
H39 G0B B . -0.59 -1.95 -3.48
H39A G0B B . -1.28 -1.41 -1.94
HO42 G0B B . -0.66 -4.12 -2.66
H23 G0B B . 1.65 1.50 -2.21
H24 G0B B . 1.74 2.87 0.51
HO33 G0B B . 3.76 2.32 -0.55
HN25 G0B B . 0.89 5.69 0.18
HN28 G0B B . 3.53 7.80 -0.69
HN2A G0B B . 2.10 7.59 0.30
H20 G0B B . -1.00 4.65 -1.28
H20A G0B B . -0.58 3.82 0.21
H21 G0B B . -0.71 2.52 -2.54
HN29 G0B B . -2.70 2.84 -0.45
HN32 G0B B . -5.00 0.87 -2.18
HN3A G0B B . -4.76 1.98 -0.85
H1 G0B B . -2.15 1.28 1.25
H5 G0B B . -3.67 -0.39 0.90
H6 G0B B . -2.81 -2.89 -0.57
H6A G0B B . -3.29 -1.42 -1.44
HN12 G0B B . -5.31 -1.91 0.44
HN15 G0B B . -7.21 -2.95 -0.10
HN1A G0B B . -7.27 -4.07 -1.44
H4 G0B B . -1.75 -2.67 1.60
HO17 G0B B . -3.43 -3.03 3.20
H3 G0B B . -2.75 -0.38 3.30
HO16 G0B B . -2.08 -2.31 4.38
H2 G0B B . 0.04 -0.68 2.15
HN8 G0B B . -1.24 1.26 3.99
HN11 G0B B . 1.76 2.90 4.52
HN1B G0B B . 0.09 2.73 5.01
H45 G0B B . -0.32 -5.26 1.88
HN51 G0B B . 2.10 -6.62 0.82
HN54 G0B B . 1.80 -7.90 -0.99
HN5B G0B B . 0.31 -7.80 -1.91
H46 G0B B . 2.44 -5.83 3.02
HO59 G0B B . 0.86 -7.55 2.94
H47 G0B B . 0.09 -4.52 4.47
HO60 G0B B . 1.63 -4.40 6.09
H22 G0B B . -0.38 0.39 -1.31
H19 G0B B . 1.22 4.11 -2.23
HN10 G0B B . 2.60 1.66 2.82
HN14 G0B B . -3.89 -3.63 -2.31
HN27 G0B B . 4.07 6.23 -2.24
HN31 G0B B . -3.27 0.29 -3.52
HN53 G0B B . -1.14 -5.40 0.17
HN57 G0B B . 5.41 -1.00 6.57
HN3B G0B B . -1.67 0.93 -3.23
HN2B G0B B . 3.19 4.72 -2.32
HN5C G0B B . 5.12 -0.37 4.96
HN1C G0B B . 1.58 0.53 1.97
HN5D G0B B . -1.36 -6.43 -1.23
HN1D G0B B . -5.38 -4.44 -2.70
C1 G0B B . -0.39 0.63 0.36
O18 G0B B . -0.48 2.04 0.21
C2 G0B B . -1.10 -0.05 -0.81
N8 G0B B . -0.48 0.34 -2.09
C3 G0B B . -1.03 -1.56 -0.61
O16 G0B B . -1.91 -2.17 -1.57
C4 G0B B . -1.52 -1.96 0.77
O17 G0B B . -1.19 -3.33 0.97
C5 G0B B . -0.79 -1.14 1.84
O7 G0B B . -1.00 0.23 1.58
C6 G0B B . -1.31 -1.42 3.25
C19 G0B B . 0.79 5.16 1.32
N25 G0B B . 0.22 6.22 2.17
C24 G0B B . 0.99 3.83 2.06
C23 G0B B . 1.63 2.84 1.11
O34 G0B B . 1.86 1.62 1.79
C22 G0B B . 0.78 2.60 -0.14
C21 G0B B . 0.49 3.93 -0.83
N29 G0B B . -0.39 3.73 -1.99
C20 G0B B . -0.11 4.94 0.12
C35 G0B B . 3.18 1.17 1.57
C36 G0B B . 3.34 -0.26 2.10
C37 G0B B . 3.40 -1.10 0.85
C38 G0B B . 4.05 -0.15 -0.13
O40 G0B B . 3.51 1.12 0.18
C39 G0B B . 3.79 -0.49 -1.59
C47 G0B B . 2.80 -6.08 1.67
C46 G0B B . 3.51 -5.42 2.85
C45 G0B B . 4.31 -4.22 2.36
C44 G0B B . 3.42 -3.30 1.54
O43 G0B B . 4.21 -2.23 1.06
C48 G0B B . 1.98 -5.06 0.91
O50 G0B B . 2.85 -4.03 0.47
C49 G0B B . 1.27 -5.64 -0.31
N12 G0B B . -2.77 -1.18 3.29
O41 G0B B . 2.21 -0.63 2.90
O59 G0B B . 4.42 -6.36 3.42
O60 G0B B . 1.90 -7.07 2.19
O42 G0B B . 2.39 -0.42 -1.83
O33 G0B B . 1.90 4.03 3.15
N55 G0B B . 2.23 -6.13 -1.31
N51 G0B B . 4.89 -3.49 3.50
C9 G0B B . -1.09 0.37 -3.27
N10 G0B B . -2.36 -0.01 -3.39
N11 G0B B . -0.44 0.78 -4.35
C13 G0B B . -3.64 -1.93 3.96
N14 G0B B . -3.24 -2.92 4.74
N15 G0B B . -4.93 -1.68 3.84
C26 G0B B . 0.91 6.98 3.01
N27 G0B B . 2.20 6.78 3.22
N28 G0B B . 0.30 7.97 3.65
C30 G0B B . -0.29 4.40 -3.13
N31 G0B B . 0.64 5.32 -3.31
N32 G0B B . -1.13 4.13 -4.12
C52 G0B B . 6.08 -2.89 3.53
N53 G0B B . 6.89 -2.91 2.47
N54 G0B B . 6.46 -2.25 4.63
C56 G0B B . 2.62 -7.41 -1.41
N57 G0B B . 2.20 -8.33 -0.55
N58 G0B B . 3.47 -7.76 -2.37
HN58 G0B B . 3.80 -7.07 -3.02
HN5A G0B B . 3.77 -8.71 -2.46
HN55 G0B B . 2.61 -5.46 -1.96
H49 G0B B . 0.67 -4.86 -0.78
H49A G0B B . 0.60 -6.45 -0.01
H48 G0B B . 1.22 -4.62 1.58
H44 G0B B . 2.62 -2.90 2.20
H37 G0B B . 2.39 -1.38 0.51
H36 G0B B . 4.27 -0.34 2.68
HO41 G0B B . 2.12 -0.02 3.64
H35 G0B B . 3.89 1.83 2.10
H38 G0B B . 5.13 -0.14 0.06
H39 G0B B . 4.15 -1.50 -1.81
H39A G0B B . 4.31 0.21 -2.24
HO42 G0B B . 2.20 -0.73 -2.73
H23 G0B B . 2.59 3.26 0.80
H24 G0B B . 0.03 3.46 2.43
HO33 G0B B . 2.03 3.20 3.61
HN25 G0B B . -0.78 6.38 2.09
HN28 G0B B . 0.80 8.54 4.31
HN2A G0B B . -0.69 8.15 3.46
H20 G0B B . -0.29 5.89 -0.39
H20A G0B B . -1.10 4.59 0.45
H21 G0B B . 1.44 4.34 -1.19
HN29 G0B B . -1.12 3.04 -1.88
HN32 G0B B . -1.04 4.63 -5.00
HN3A G0B B . -1.84 3.44 -3.99
H1 G0B B . 0.68 0.32 0.37
H5 G0B B . 0.28 -1.37 1.80
H6 G0B B . -0.82 -0.75 3.97
H6A G0B B . -1.10 -2.45 3.53
HN12 G0B B . -3.11 -0.39 2.76
HN15 G0B B . -5.27 -0.95 3.25
HN1A G0B B . -5.59 -2.26 4.36
H4 G0B B . -2.60 -1.80 0.85
HO17 G0B B . -1.73 -3.88 0.40
H3 G0B B . -0.01 -1.92 -0.78
HO16 G0B B . -1.85 -3.14 -1.51
H2 G0B B . -2.15 0.27 -0.79
HN8 G0B B . 0.49 0.60 -2.06
HN11 G0B B . -0.90 0.80 -5.24
HN1B G0B B . 0.53 1.07 -4.26
H45 G0B B . 5.13 -4.58 1.72
HN51 G0B B . 4.33 -3.43 4.35
HN54 G0B B . 5.83 -2.22 5.41
HN5B G0B B . 7.36 -1.81 4.67
H46 G0B B . 2.78 -5.09 3.60
HO59 G0B B . 4.75 -6.01 4.26
H47 G0B B . 3.53 -6.55 1.01
HO60 G0B B . 1.31 -6.69 2.85
H22 G0B B . 1.31 1.95 -0.84
H19 G0B B . 1.76 5.52 0.96
HN10 G0B B . -2.82 0.05 -4.29
HN14 G0B B . -2.25 -3.12 4.88
HN27 G0B B . 2.67 6.00 2.78
HN31 G0B B . 0.69 5.82 -4.19
HN53 G0B B . 6.60 -3.38 1.63
HN57 G0B B . 1.59 -8.07 0.20
HN3B G0B B . 1.30 5.52 -2.57
HN2B G0B B . 2.71 7.40 3.84
HN5C G0B B . 2.49 -9.29 -0.66
HN1C G0B B . -2.86 -0.35 -2.59
HN5D G0B B . 7.78 -2.46 2.53
HN1D G0B B . -3.94 -3.49 5.21
C1 G0B B . -1.83 1.16 0.34
O18 G0B B . -1.28 2.45 0.20
C2 G0B B . -3.00 1.02 -0.65
N8 G0B B . -2.49 1.15 -2.03
C3 G0B B . -3.69 -0.32 -0.44
O16 G0B B . -4.93 -0.31 -1.17
C4 G0B B . -4.02 -0.54 1.02
O17 G0B B . -4.44 -1.90 1.19
C5 G0B B . -2.77 -0.34 1.86
O7 G0B B . -2.34 0.99 1.65
C6 G0B B . -2.94 -0.53 3.36
C19 G0B B . 0.26 4.35 2.58
N25 G0B B . -0.48 5.11 3.60
C24 G0B B . -0.03 2.86 2.75
C23 G0B B . 0.66 2.06 1.65
O34 G0B B . 0.44 0.67 1.87
C22 G0B B . 0.14 2.49 0.28
C21 G0B B . 0.55 3.94 0.11
N29 G0B B . 0.21 4.45 -1.22
C20 G0B B . -0.12 4.82 1.17
C35 G0B B . 1.52 -0.13 1.40
C36 G0B B . 1.37 -1.52 1.99
C37 G0B B . 0.70 -2.30 0.88
C38 G0B B . 1.39 -1.68 -0.32
O40 G0B B . 1.46 -0.28 -0.01
C39 G0B B . 0.66 -1.89 -1.65
C47 G0B B . -1.35 -6.37 3.06
C46 G0B B . 0.14 -6.49 3.27
C45 G0B B . 0.88 -5.70 2.19
C44 G0B B . 0.34 -4.27 2.07
O43 G0B B . 1.01 -3.68 0.98
C48 G0B B . -1.74 -4.89 2.98
O50 G0B B . -1.07 -4.33 1.88
C49 G0B B . -3.24 -4.67 2.82
N12 G0B B . -1.78 0.02 4.07
O41 G0B B . 0.53 -1.48 3.15
O59 G0B B . 0.50 -7.87 3.11
O60 G0B B . -2.02 -6.94 4.19
O42 G0B B . -0.64 -1.28 -1.55
O33 G0B B . 0.49 2.42 4.01
N55 G0B B . -3.76 -5.29 1.60
N51 G0B B . 2.34 -5.70 2.44
C9 G0B B . -3.22 1.54 -3.08
N10 G0B B . -2.64 1.68 -4.26
N11 G0B B . -4.51 1.79 -2.97
C13 G0B B . -1.25 -0.49 5.18
N14 G0B B . -0.20 0.11 5.73
N15 G0B B . -1.76 -1.58 5.73
C26 G0B B . -0.23 6.36 3.96
N27 G0B B . 0.69 7.09 3.35
N28 G0B B . -0.93 6.90 4.96
C30 G0B B . 0.86 4.15 -2.34
N31 G0B B . 0.47 4.70 -3.49
N32 G0B B . 1.89 3.32 -2.35
C52 G0B B . 2.98 -5.18 3.50
N53 G0B B . 2.33 -4.57 4.48
N54 G0B B . 4.30 -5.26 3.57
C56 G0B B . -5.03 -5.66 1.44
N57 G0B B . -5.92 -5.48 2.41
N58 G0B B . -5.41 -6.22 0.30
HN58 G0B B . -4.74 -6.36 -0.44
HN5A G0B B . -6.38 -6.50 0.18
HN55 G0B B . -3.11 -5.44 0.84
H49 G0B B . -3.44 -3.60 2.78
H49A G0B B . -3.76 -5.08 3.68
H48 G0B B . -1.41 -4.39 3.90
H44 G0B B . 0.55 -3.70 2.99
H37 G0B B . -0.38 -2.13 0.86
H36 G0B B . 2.34 -1.95 2.23
HO41 G0B B . -0.23 -0.92 2.97
H35 G0B B . 2.49 0.29 1.71
H38 G0B B . 2.40 -2.07 -0.40
H39 G0B B . 0.55 -2.95 -1.85
H39A G0B B . 1.22 -1.42 -2.46
HO42 G0B B . -1.12 -1.45 -2.37
H23 G0B B . 1.73 2.27 1.71
H24 G0B B . -1.11 2.69 2.72
HO33 G0B B . 1.44 2.59 4.04
HN25 G0B B . -1.23 4.62 4.07
HN28 G0B B . -0.78 7.86 5.22
HN2A G0B B . -1.59 6.33 5.46
H20 G0B B . 0.16 5.86 1.02
H20A G0B B . -1.21 4.77 1.04
H21 G0B B . 1.63 4.02 0.24
HN29 G0B B . -0.58 5.07 -1.29
HN32 G0B B . 2.37 3.12 -3.22
HN3A G0B B . 2.20 2.89 -1.49
H1 G0B B . -1.07 0.39 0.13
H5 G0B B . -1.98 -1.01 1.51
H6 G0B B . -3.02 -1.60 3.57
H6A G0B B . -3.84 -0.03 3.72
HN12 G0B B . -1.35 0.85 3.68
HN15 G0B B . -2.59 -2.00 5.35
HN1A G0B B . -1.32 -1.98 6.55
H4 G0B B . -4.82 0.13 1.33
HO17 G0B B . -5.35 -2.00 0.85
H3 G0B B . -3.05 -1.14 -0.81
HO16 G0B B . -5.40 -1.14 -1.05
H2 G0B B . -3.71 1.82 -0.45
HN8 G0B B . -1.52 0.94 -2.18
HN11 G0B B . -5.03 2.13 -3.76
HN1B G0B B . -4.97 1.62 -2.08
H45 G0B B . 0.70 -6.17 1.23
HN51 G0B B . 2.91 -6.14 1.73
HN54 G0B B . 4.82 -5.72 2.85
HN5B G0B B . 4.75 -4.86 4.38
H46 G0B B . 0.41 -6.15 4.26
HO59 G0B B . 0.08 -8.41 3.79
H47 G0B B . -1.66 -6.89 2.14
HO60 G0B B . -1.84 -7.89 4.22
H22 G0B B . 0.58 1.87 -0.51
H19 G0B B . 1.32 4.55 2.73
HN10 G0B B . -3.18 1.97 -5.06
HN14 G0B B . 0.18 0.94 5.30
HN27 G0B B . 1.22 6.70 2.59
HN31 G0B B . 0.94 4.48 -4.35
HN53 G0B B . 1.33 -4.49 4.48
HN57 G0B B . -6.88 -5.76 2.27
HN3B G0B B . -0.31 5.35 -3.49
HN2B G0B B . 0.85 8.04 3.64
HN5C G0B B . -5.65 -5.05 3.28
HN1C G0B B . -1.65 1.50 -4.36
HN5D G0B B . 2.87 -4.20 5.25
HN1D G0B B . 0.22 -0.28 6.56
C1 G0B B . 0.45 4.45 1.29
O18 G0B B . 0.01 5.80 1.11
C2 G0B B . -0.14 3.70 0.10
N8 G0B B . 0.60 4.07 -1.12
C3 G0B B . -0.14 2.19 0.27
O16 G0B B . -1.08 1.63 -0.65
C4 G0B B . -0.57 1.77 1.67
O17 G0B B . -0.30 0.37 1.80
C5 G0B B . 0.28 2.53 2.68
O7 G0B B . -0.01 3.91 2.52
C6 G0B B . 0.00 2.19 4.14
C19 G0B B . 1.67 9.11 2.87
N25 G0B B . 2.24 10.22 3.65
C24 G0B B . 2.75 8.08 2.48
C23 G0B B . 2.17 6.82 1.82
O34 G0B B . 2.58 5.69 2.58
C22 G0B B . 0.64 6.90 1.76
C21 G0B B . 0.02 7.19 3.12
N29 G0B B . 0.30 6.11 4.07
C20 G0B B . 0.56 8.50 3.70
C35 G0B B . 3.98 5.47 2.54
C36 G0B B . 4.24 4.01 2.89
C37 G0B B . 4.25 3.35 1.54
C38 G0B B . 4.96 4.41 0.71
O40 G0B B . 4.51 5.66 1.23
C39 G0B B . 4.69 4.34 -0.79
C47 G0B B . 3.94 -1.10 -0.70
C46 G0B B . 4.48 -1.39 0.68
C45 G0B B . 5.15 -0.16 1.26
C44 G0B B . 4.25 1.06 1.16
O43 G0B B . 5.02 2.17 1.58
C48 G0B B . 3.04 0.13 -0.65
O50 G0B B . 3.82 1.22 -0.18
C49 G0B B . 2.47 0.52 -2.02
N12 G0B B . 0.26 0.77 4.46
O41 G0B B . 3.17 3.50 3.70
O59 G0B B . 5.47 -2.42 0.57
O60 G0B B . 3.14 -2.21 -1.11
O42 G0B B . 3.34 4.77 -1.02
O33 G0B B . 3.63 8.67 1.53
N55 G0B B . 3.52 1.02 -2.91
N51 G0B B . 5.52 -0.40 2.67
C9 G0B B . 0.16 4.01 -2.37
N10 G0B B . 0.95 4.45 -3.34
N11 G0B B . -1.05 3.54 -2.66
C13 G0B B . 1.44 0.24 4.76
N14 G0B B . 1.53 -1.04 5.08
N15 G0B B . 2.55 0.96 4.76
C26 G0B B . 2.93 11.25 3.15
N27 G0B B . 3.31 12.24 3.95
N28 G0B B . 3.26 11.32 1.87
C30 G0B B . -0.31 5.95 5.24
N31 G0B B . 0.01 4.93 6.02
N32 G0B B . -1.27 6.79 5.63
C52 G0B B . 6.62 0.05 3.27
N53 G0B B . 6.81 -0.21 4.56
N54 G0B B . 7.54 0.74 2.63
C56 G0B B . 3.47 0.96 -4.25
N57 G0B B . 4.46 1.46 -4.96
N58 G0B B . 2.44 0.41 -4.87
HN58 G0B B . 1.67 0.02 -4.33
HN5A G0B B . 2.43 0.37 -5.88
HN55 G0B B . 4.33 1.44 -2.49
H49 G0B B . 1.71 1.30 -1.89
H49A G0B B . 1.99 -0.36 -2.48
H48 G0B B . 2.22 -0.06 0.03
H44 G0B B . 3.37 0.94 1.83
H37 G0B B . 3.24 3.17 1.18
H36 G0B B . 5.20 3.89 3.39
HO41 G0B B . 3.14 3.99 4.52
H35 G0B B . 4.50 6.12 3.27
H38 G0B B . 6.03 4.32 0.89
H39 G0B B . 4.82 3.32 -1.16
H39A G0B B . 5.37 5.00 -1.33
HO42 G0B B . 3.28 5.70 -0.77
H23 G0B B . 2.56 6.73 0.79
H24 G0B B . 3.30 7.80 3.38
HO33 G0B B . 4.28 8.01 1.24
HN25 G0B B . 2.08 10.21 4.64
HN28 G0B B . 3.72 12.14 1.50
HN2A G0B B . 3.05 10.53 1.27
H20 G0B B . -0.26 9.22 3.81
H20A G0B B . 0.93 8.31 4.71
H21 G0B B . -1.07 7.25 3.00
HN29 G0B B . 1.01 5.45 3.80
HN32 G0B B . -1.74 6.62 6.50
HN3A G0B B . -1.51 7.58 5.06
H1 G0B B . 1.55 4.40 1.24
H5 G0B B . 1.34 2.36 2.47
H6 G0B B . -1.03 2.42 4.37
H6A G0B B . 0.64 2.80 4.79
HN12 G0B B . -0.54 0.15 4.44
HN15 G0B B . 2.53 1.94 4.49
HN1A G0B B . 3.42 0.51 5.02
H4 G0B B . -1.63 1.97 1.83
HO17 G0B B . -0.90 -0.13 1.22
H3 G0B B . 0.86 1.80 0.06
HO16 G0B B . -1.07 0.67 -0.59
H2 G0B B . -1.18 4.02 -0.01
HN8 G0B B . 1.55 4.40 -0.99
HN11 G0B B . -1.38 3.55 -3.61
HN1B G0B B . -1.62 3.18 -1.92
H45 G0B B . 6.06 0.04 0.69
HN51 G0B B . 4.88 -0.94 3.23
HN54 G0B B . 7.42 0.96 1.65
HN5B G0B B . 8.36 1.05 3.13
H46 G0B B . 3.67 -1.73 1.33
HO59 G0B B . 5.82 -2.65 1.44
H47 G0B B . 4.76 -0.94 -1.41
HO60 G0B B . 3.68 -3.01 -1.11
H22 G0B B . 0.41 7.75 1.12
H19 G0B B . 1.26 9.53 1.95
HN10 G0B B . 0.62 4.44 -4.30
HN14 G0B B . 0.70 -1.62 5.11
HN27 G0B B . 3.05 12.22 4.92
HN31 G0B B . -0.50 4.77 6.88
HN53 G0B B . 6.11 -0.72 5.07
HN57 G0B B . 4.43 1.40 -5.97
HN3B G0B B . 0.76 4.32 5.75
HN2B G0B B . 3.85 13.01 3.59
HN5C G0B B . 5.25 1.90 -4.51
HN1C G0B B . 1.87 4.78 -3.12
HN5D G0B B . 7.66 0.12 5.00
HN1D G0B B . 2.43 -1.43 5.31
C1 G0B B . -2.62 0.17 0.76
O18 G0B B . -1.32 0.72 0.93
C2 G0B B . -2.50 -1.34 0.88
N8 G0B B . -2.36 -1.72 2.29
C3 G0B B . -3.73 -2.03 0.29
O16 G0B B . -3.41 -2.44 -1.05
C4 G0B B . -4.92 -1.10 0.20
O17 G0B B . -5.29 -0.76 1.54
C5 G0B B . -4.60 0.22 -0.53
O7 G0B B . -3.19 0.48 -0.50
C6 G0B B . -5.01 0.17 -2.00
C19 G0B B . -0.28 4.64 -0.16
N25 G0B B . 0.56 5.68 -0.77
C24 G0B B . -0.84 3.69 -1.22
C23 G0B B . -0.79 2.23 -0.81
O34 G0B B . 0.54 1.75 -0.91
C22 G0B B . -1.24 2.10 0.63
C21 G0B B . -0.29 2.80 1.60
N29 G0B B . 0.69 1.86 2.17
C20 G0B B . 0.50 3.92 0.94
C35 G0B B . 0.82 1.14 -2.16
C36 G0B B . 0.66 -0.38 -2.06
C37 G0B B . -0.75 -0.60 -2.58
C38 G0B B . -0.84 0.48 -3.65
O40 G0B B . -0.05 1.57 -3.20
C39 G0B B . -2.26 0.95 -3.92
C47 G0B B . -0.47 -5.62 -1.49
C46 G0B B . -0.11 -5.44 -2.96
C45 G0B B . -0.71 -4.15 -3.47
C44 G0B B . -0.31 -2.98 -2.60
O43 G0B B . -0.93 -1.86 -3.20
C48 G0B B . -0.14 -4.36 -0.69
O50 G0B B . -0.78 -3.24 -1.28
C49 G0B B . -0.58 -4.43 0.77
N12 G0B B . -6.47 0.00 -2.13
O41 G0B B . 0.76 -0.81 -0.69
O59 G0B B . -0.67 -6.54 -3.68
O60 G0B B . 0.32 -6.70 -0.98
O42 G0B B . -2.19 2.01 -4.88
O33 G0B B . -2.22 4.02 -1.42
N55 G0B B . 0.04 -5.56 1.46
N51 G0B B . -0.30 -3.90 -4.88
C9 G0B B . -1.23 -1.70 2.99
N10 G0B B . -0.08 -1.32 2.45
N11 G0B B . -1.26 -2.09 4.25
C13 G0B B . -7.34 1.01 -2.17
N14 G0B B . -6.95 2.28 -2.09
N15 G0B B . -8.64 0.76 -2.27
C26 G0B B . 1.64 5.48 -1.51
N27 G0B B . 2.10 4.27 -1.76
N28 G0B B . 2.30 6.53 -1.99
C30 G0B B . 0.96 1.73 3.46
N31 G0B B . 1.91 0.88 3.85
N32 G0B B . 0.31 2.42 4.38
C52 G0B B . -0.94 -4.36 -5.96
N53 G0B B . -0.50 -4.04 -7.17
N54 G0B B . -2.03 -5.11 -5.84
C56 G0B B . -0.08 -5.80 2.77
N57 G0B B . -0.83 -5.04 3.54
N58 G0B B . 0.57 -6.83 3.32
HN58 G0B B . 1.15 -7.43 2.74
HN5A G0B B . 0.49 -7.00 4.30
HN55 G0B B . 0.59 -6.20 0.91
H49 G0B B . -1.67 -4.50 0.83
H49A G0B B . -0.28 -3.50 1.28
H48 G0B B . 0.94 -4.19 -0.70
H44 G0B B . 0.78 -2.84 -2.58
H37 G0B B . -1.48 -0.45 -1.79
H36 G0B B . 1.39 -0.88 -2.68
HO41 G0B B . 1.64 -0.61 -0.36
H35 G0B B . 1.86 1.38 -2.45
H38 G0B B . -0.39 0.09 -4.57
H39 G0B B . -2.72 1.32 -3.01
H39A G0B B . -2.87 0.13 -4.32
HO42 G0B B . -1.54 2.66 -4.59
H23 G0B B . -1.45 1.64 -1.44
H24 G0B B . -0.31 3.83 -2.17
HO33 G0B B . -2.58 3.50 -2.14
HN25 G0B B . 0.25 6.64 -0.63
HN28 G0B B . 3.13 6.39 -2.56
HN2A G0B B . 1.98 7.47 -1.80
H20 G0B B . 0.82 4.65 1.70
H20A G0B B . 1.43 3.51 0.51
H21 G0B B . -0.88 3.22 2.41
HN29 G0B B . 1.18 1.27 1.51
HN32 G0B B . 0.56 2.32 5.36
HN3A G0B B . -0.44 3.05 4.12
H1 G0B B . -3.28 0.53 1.55
H5 G0B B . -5.12 1.03 -0.04
H6 G0B B . -4.52 -0.67 -2.50
H6A G0B B . -4.70 1.09 -2.50
HN12 G0B B . -6.82 -0.94 -2.20
HN15 G0B B . -8.97 -0.20 -2.33
HN1A G0B B . -9.29 1.53 -2.31
H4 G0B B . -5.75 -1.61 -0.28
HO17 G0B B . -6.21 -0.43 1.52
H3 G0B B . -3.97 -2.90 0.88
HO16 G0B B . -4.13 -2.97 -1.41
H2 G0B B . -1.61 -1.67 0.33
HN8 G0B B . -3.19 -2.00 2.78
HN11 G0B B . -0.41 -2.11 4.80
HN1B G0B B . -2.14 -2.36 4.66
H45 G0B B . -1.80 -4.20 -3.43
HN51 G0B B . 0.53 -3.34 -5.03
HN54 G0B B . -2.34 -5.39 -4.92
HN5B G0B B . -2.52 -5.43 -6.66
H46 G0B B . 0.98 -5.42 -3.08
HO59 G0B B . -0.25 -7.36 -3.41
H47 G0B B . -1.53 -5.86 -1.41
HO60 G0B B . 0.09 -7.52 -1.45
H22 G0B B . -2.25 2.55 0.74
H19 G0B B . -1.12 5.16 0.32
HN10 G0B B . 0.76 -1.35 3.00
HN14 G0B B . -5.98 2.51 -2.01
HN27 G0B B . 2.94 4.15 -2.32
HN31 G0B B . 2.11 0.76 4.84
HN53 G0B B . 0.32 -3.46 -7.26
HN57 G0B B . -0.87 -5.22 4.54
HN3B G0B B . 2.44 0.36 3.16
HN2B G0B B . 1.61 3.46 -1.41
HN5C G0B B . -1.36 -4.28 3.15
HN1C G0B B . -0.07 -0.99 1.49
HN5D G0B B . -0.99 -4.39 -7.98
HN1D G0B B . -7.66 3.00 -2.13
C1 G0B B . -1.33 0.73 -0.01
O18 G0B B . -1.01 2.09 -0.22
C2 G0B B . -2.38 0.32 -1.06
N8 G0B B . -1.83 0.49 -2.42
C3 G0B B . -2.80 -1.12 -0.83
O16 G0B B . -3.96 -1.37 -1.63
C4 G0B B . -3.20 -1.33 0.63
O17 G0B B . -3.36 -2.73 0.84
C5 G0B B . -2.10 -0.83 1.56
O7 G0B B . -1.87 0.54 1.28
C6 G0B B . -2.44 -0.95 3.03
C19 G0B B . 0.91 4.69 1.07
N25 G0B B . 0.45 5.77 1.95
C24 G0B B . 0.76 3.31 1.72
C23 G0B B . 1.21 2.23 0.74
O34 G0B B . 1.13 0.97 1.37
C22 G0B B . 0.37 2.26 -0.53
C21 G0B B . 0.51 3.63 -1.17
N29 G0B B . -0.29 3.70 -2.40
C20 G0B B . 0.11 4.74 -0.22
C35 G0B B . 2.32 0.23 1.13
C36 G0B B . 2.25 -1.12 1.84
C37 G0B B . 1.79 -2.06 0.77
C38 G0B B . 2.53 -1.49 -0.42
O40 G0B B . 2.47 -0.08 -0.25
C39 G0B B . 1.93 -1.88 -1.77
C47 G0B B . 0.09 -6.84 0.37
C46 G0B B . 0.34 -6.50 1.82
C45 G0B B . 1.44 -5.45 1.93
C44 G0B B . 1.12 -4.26 1.02
O43 G0B B . 2.21 -3.37 1.08
C48 G0B B . -0.20 -5.58 -0.43
O50 G0B B . 0.93 -4.73 -0.31
C49 G0B B . -0.44 -5.84 -1.92
N12 G0B B . -1.27 -0.61 3.85
O41 G0B B . 1.30 -1.08 2.91
O59 G0B B . 0.80 -7.68 2.49
O60 G0B B . -1.08 -7.68 0.32
O42 G0B B . 0.58 -1.40 -1.83
O33 G0B B . 1.64 3.23 2.85
N55 G0B B . 0.75 -6.43 -2.56
N51 G0B B . 1.59 -5.00 3.33
C9 G0B B . -2.55 0.71 -3.52
N10 G0B B . -1.94 0.88 -4.69
N11 G0B B . -3.87 0.77 -3.47
C13 G0B B . -0.91 -1.26 4.96
N14 G0B B . 0.18 -0.90 5.61
N15 G0B B . -1.62 -2.27 5.43
C26 G0B B . 1.16 6.33 2.93
N27 G0B B . 0.65 7.35 3.59
N28 G0B B . 2.35 5.87 3.27
C30 G0B B . 0.01 4.42 -3.48
N31 G0B B . 1.12 5.15 -3.51
N32 G0B B . -0.78 4.40 -4.54
C52 G0B B . 2.74 -4.83 3.97
N53 G0B B . 3.91 -5.03 3.37
N54 G0B B . 2.74 -4.45 5.24
C56 G0B B . 0.94 -7.73 -2.78
N57 G0B B . 0.04 -8.63 -2.39
N58 G0B B . 2.04 -8.15 -3.40
HN58 G0B B . 2.72 -7.48 -3.71
HN5A G0B B . 2.18 -9.13 -3.57
HN55 G0B B . 1.48 -5.79 -2.85
H49 G0B B . -0.67 -4.92 -2.42
H49A G0B B . -1.29 -6.53 -2.04
H48 G0B B . -1.08 -5.09 -0.02
H44 G0B B . 0.21 -3.75 1.37
H37 G0B B . 0.70 -2.00 0.63
H36 G0B B . 3.23 -1.40 2.21
HO41 G0B B . 1.29 -1.94 3.35
H35 G0B B . 3.18 0.78 1.52
H38 G0B B . 3.57 -1.81 -0.38
H39 G0B B . 1.93 -2.96 -1.91
H39A G0B B . 2.51 -1.43 -2.58
HO42 G0B B . 0.19 -1.68 -2.66
H23 G0B B . 2.25 2.43 0.47
H24 G0B B . -0.27 3.14 2.04
HO33 G0B B . 1.59 2.35 3.24
HN25 G0B B . -0.48 6.13 1.77
HN28 G0B B . 2.89 6.34 3.98
HN2A G0B B . 2.73 5.06 2.79
H20 G0B B . 0.26 5.72 -0.70
H20A G0B B . -0.96 4.66 0.00
H21 G0B B . 1.56 3.76 -1.45
HN29 G0B B . -1.15 3.17 -2.40
HN32 G0B B . -0.55 4.96 -5.34
HN3A G0B B . -1.62 3.84 -4.52
H1 G0B B . -0.43 0.11 -0.13
H5 G0B B . -1.18 -1.39 1.36
H6 G0B B . -2.75 -1.97 3.25
H6A G0B B . -3.25 -0.27 3.29
HN12 G0B B . -0.70 0.16 3.54
HN15 G0B B . -2.48 -2.56 4.95
HN1A G0B B . -1.31 -2.77 6.25
H4 G0B B . -4.14 -0.81 0.84
HO17 G0B B . -4.11 -3.07 0.34
H3 G0B B . -1.99 -1.79 -1.09
HO16 G0B B . -4.22 -2.30 -1.55
H2 G0B B . -3.25 0.98 -0.95
HN8 G0B B . -0.83 0.43 -2.51
HN11 G0B B . -4.39 0.98 -4.31
HN1B G0B B . -4.35 0.60 -2.60
H45 G0B B . 2.38 -5.89 1.59
HN51 G0B B . 0.74 -4.81 3.84
HN54 G0B B . 1.86 -4.27 5.70
HN5B G0B B . 3.62 -4.34 5.72
H46 G0B B . -0.57 -6.12 2.29
HO59 G0B B . 0.96 -7.49 3.42
H47 G0B B . 0.95 -7.37 -0.05
HO60 G0B B . -0.95 -8.46 0.86
H22 G0B B . 0.71 1.49 -1.22
H19 G0B B . 1.96 4.86 0.85
HN10 G0B B . -2.48 1.04 -5.52
HN14 G0B B . 0.74 -0.12 5.28
HN27 G0B B . 1.16 7.77 4.36
HN31 G0B B . 1.32 5.69 -4.35
HN53 G0B B . 3.93 -5.32 2.40
HN57 G0B B . -0.78 -8.33 -1.90
HN3B G0B B . 1.75 5.18 -2.73
HN2B G0B B . -0.25 7.72 3.33
HN5C G0B B . 0.18 -9.61 -2.58
HN1C G0B B . -0.93 0.84 -4.73
HN5D G0B B . 4.76 -4.92 3.89
HN1D G0B B . 0.45 -1.39 6.45
C1 G0B B . -0.94 0.93 0.84
O18 G0B B . 0.09 1.90 0.76
C2 G0B B . -0.96 0.35 2.25
N8 G0B B . -0.94 1.39 3.31
C3 G0B B . -2.18 -0.54 2.37
O16 G0B B . -2.17 -1.14 3.66
C4 G0B B . -2.07 -1.64 1.33
O17 G0B B . -3.32 -2.34 1.28
C5 G0B B . -1.80 -1.08 -0.07
O7 G0B B . -0.71 -0.15 -0.04
C6 G0B B . -1.45 -2.19 -1.06
C19 G0B B . 2.25 3.92 -1.12
N25 G0B B . 3.69 3.73 -1.30
C24 G0B B . 1.46 2.75 -1.70
C23 G0B B . -0.03 2.91 -1.44
O34 G0B B . -0.70 1.79 -1.98
C22 G0B B . -0.32 3.06 0.05
C21 G0B B . 0.47 4.25 0.59
N29 G0B B . 0.23 4.44 2.03
C20 G0B B . 1.96 4.06 0.37
C35 G0B B . -1.83 2.10 -2.77
C36 G0B B . -2.17 0.92 -3.67
C37 G0B B . -3.43 0.35 -3.06
C38 G0B B . -4.08 1.60 -2.52
O40 G0B B . -2.99 2.34 -1.96
C39 G0B B . -5.17 1.40 -1.46
C47 G0B B . -6.02 -1.78 -5.97
C46 G0B B . -5.99 -2.90 -4.95
C45 G0B B . -5.16 -2.47 -3.75
C44 G0B B . -5.30 -0.97 -3.48
O43 G0B B . -4.21 -0.27 -4.07
C48 G0B B . -6.70 -0.53 -5.39
O50 G0B B . -6.54 -0.50 -3.97
C49 G0B B . -6.25 0.78 -5.99
N12 G0B B . -0.15 -2.81 -0.74
O41 G0B B . -1.13 -0.07 -3.63
O59 G0B B . -5.35 -4.04 -5.53
O60 G0B B . -6.82 -2.21 -7.09
O42 G0B B . -4.68 0.47 -0.49
O33 G0B B . 1.65 2.74 -3.12
N55 G0B B . -6.96 1.91 -5.35
N51 G0B B . -5.49 -3.28 -2.56
C9 G0B B . 0.14 1.76 3.97
N10 G0B B . 0.04 2.60 4.98
N11 G0B B . 1.35 1.31 3.63
C13 G0B B . 1.01 -2.38 -1.23
N14 G0B B . 1.07 -1.33 -2.04
N15 G0B B . 2.13 -3.01 -0.90
C26 G0B B . 4.37 4.11 -2.38
N27 G0B B . 5.68 3.92 -2.43
N28 G0B B . 3.77 4.70 -3.40
C30 G0B B . 0.46 5.57 2.69
N31 G0B B . 0.21 5.64 3.99
N32 G0B B . 0.95 6.63 2.08
C52 G0B B . -6.54 -3.12 -1.75
N53 G0B B . -7.45 -2.19 -1.97
N54 G0B B . -6.69 -3.93 -0.71
C56 G0B B . -7.06 3.14 -5.85
N57 G0B B . -6.51 3.46 -7.01
N58 G0B B . -7.72 4.06 -5.18
HN58 G0B B . -8.12 3.83 -4.28
HN5A G0B B . -7.83 4.98 -5.58
HN55 G0B B . -7.41 1.72 -4.46
H49 G0B B . -6.45 0.80 -7.06
H49A G0B B . -5.18 0.94 -5.84
H48 G0B B . -7.77 -0.62 -5.58
H44 G0B B . -5.29 -0.82 -2.39
H37 G0B B . -3.19 -0.36 -2.27
H36 G0B B . -2.35 1.25 -4.69
HO41 G0B B . -0.35 0.28 -4.08
H35 G0B B . -1.62 2.98 -3.41
H38 G0B B . -4.49 2.18 -3.35
H39 G0B B . -6.07 0.99 -1.92
H39A G0B B . -5.41 2.34 -0.97
HO42 G0B B . -5.40 0.22 0.11
H23 G0B B . -0.37 3.82 -1.96
H24 G0B B . 1.81 1.81 -1.27
HO33 G0B B . 1.17 2.00 -3.51
HN25 G0B B . 4.20 3.27 -0.56
HN28 G0B B . 4.30 5.02 -4.19
HN2A G0B B . 2.77 4.83 -3.38
H20 G0B B . 2.53 4.90 0.77
H20A G0B B . 2.30 3.16 0.89
H21 G0B B . 0.14 5.16 0.08
HN29 G0B B . -0.14 3.65 2.53
HN32 G0B B . 1.13 7.48 2.59
HN3A G0B B . 1.13 6.61 1.09
H1 G0B B . -1.91 1.41 0.60
H5 G0B B . -2.69 -0.56 -0.42
H6 G0B B . -1.42 -1.80 -2.08
H6A G0B B . -2.22 -2.97 -1.03
HN12 G0B B . -0.15 -3.61 -0.13
HN15 G0B B . 2.10 -3.82 -0.30
HN1A G0B B . 3.02 -2.69 -1.27
H4 G0B B . -1.28 -2.33 1.61
HO17 G0B B . -4.04 -1.73 1.12
H3 G0B B . -3.10 0.03 2.21
HO16 G0B B . -2.83 -1.85 3.70
H2 G0B B . -0.07 -0.28 2.38
HN8 G0B B . -1.82 1.82 3.55
HN11 G0B B . 2.16 1.58 4.15
HN1B G0B B . 1.44 0.68 2.85
H45 G0B B . -4.11 -2.64 -3.98
HN51 G0B B . -4.85 -4.04 -2.34
HN54 G0B B . -6.03 -4.66 -0.54
HN5B G0B B . -7.48 -3.78 -0.10
H46 G0B B . -7.01 -3.14 -4.65
HO59 G0B B . -5.90 -4.39 -6.25
H47 G0B B . -5.00 -1.56 -6.32
HO60 G0B B . -6.39 -2.95 -7.53
H22 G0B B . -1.39 3.24 0.20
H19 G0B B . 1.95 4.85 -1.62
HN10 G0B B . 0.87 2.90 5.47
HN14 G0B B . 1.96 -1.03 -2.40
HN27 G0B B . 6.16 3.48 -1.66
HN31 G0B B . -0.15 4.84 4.49
HN53 G0B B . -7.38 -1.57 -2.76
HN57 G0B B . -6.60 4.40 -7.36
HN3B G0B B . 0.38 6.50 4.48
HN2B G0B B . 6.22 4.21 -3.24
HN5C G0B B . -6.01 2.76 -7.56
HN1C G0B B . -0.87 2.95 5.27
HN5D G0B B . -8.22 -2.10 -1.31
HN1D G0B B . 0.23 -0.83 -2.28
C1 G0B B . -1.09 0.81 -0.08
O18 G0B B . -0.86 2.18 -0.38
C2 G0B B . -2.23 0.30 -0.96
N8 G0B B . -1.86 0.43 -2.39
C3 G0B B . -2.53 -1.15 -0.60
O16 G0B B . -3.72 -1.53 -1.29
C4 G0B B . -2.79 -1.28 0.90
O17 G0B B . -2.86 -2.68 1.19
C5 G0B B . -1.63 -0.69 1.69
O7 G0B B . -1.46 0.67 1.29
C6 G0B B . -1.87 -0.63 3.19
C19 G0B B . 1.07 4.95 0.55
N25 G0B B . 0.68 6.08 1.41
C24 G0B B . 1.05 3.62 1.31
C23 G0B B . 1.43 2.49 0.36
O34 G0B B . 1.44 1.27 1.08
C22 G0B B . 0.47 2.41 -0.83
C21 G0B B . 0.47 3.73 -1.57
N29 G0B B . -0.47 3.69 -2.68
C20 G0B B . 0.12 4.88 -0.63
C35 G0B B . 2.53 0.46 0.73
C36 G0B B . 2.45 -0.85 1.50
C37 G0B B . 1.92 -1.84 0.47
C38 G0B B . 2.58 -1.31 -0.78
O40 G0B B . 2.52 0.11 -0.66
C39 G0B B . 1.93 -1.75 -2.08
C47 G0B B . 0.51 -6.18 1.45
C46 G0B B . 2.03 -6.13 1.53
C45 G0B B . 2.51 -4.94 2.33
C44 G0B B . 1.80 -3.64 1.95
O43 G0B B . 2.35 -3.15 0.74
C48 G0B B . -0.12 -4.83 1.07
O50 G0B B . 0.39 -3.81 1.90
C49 G0B B . 0.01 -4.43 -0.39
N12 G0B B . -2.07 -1.96 3.78
O41 G0B B . 1.52 -0.72 2.59
O59 G0B B . 2.54 -6.03 0.19
O60 G0B B . 0.02 -6.54 2.75
O42 G0B B . 0.57 -1.31 -2.08
O33 G0B B . 2.06 3.65 2.33
N55 G0B B . -0.86 -5.27 -1.25
N51 G0B B . 2.31 -5.19 3.77
C9 G0B B . -2.72 0.57 -3.40
N10 G0B B . -2.27 0.69 -4.64
N11 G0B B . -4.03 0.59 -3.18
C13 G0B B . -1.16 -2.66 4.45
N14 G0B B . 0.09 -2.22 4.59
N15 G0B B . -1.49 -3.82 4.99
C26 G0B B . 1.51 6.73 2.23
N27 G0B B . 2.77 6.35 2.39
N28 G0B B . 1.05 7.78 2.91
C30 G0B B . -0.33 4.36 -3.82
N31 G0B B . 0.72 5.14 -4.04
N32 G0B B . -1.24 4.23 -4.78
C52 G0B B . 3.29 -5.24 4.69
N53 G0B B . 2.97 -5.40 5.97
N54 G0B B . 4.56 -5.13 4.37
C56 G0B B . -0.45 -6.31 -1.97
N57 G0B B . 0.82 -6.72 -1.93
N58 G0B B . -1.31 -6.96 -2.74
HN58 G0B B . -2.27 -6.67 -2.77
HN5A G0B B . -1.01 -7.74 -3.29
HN55 G0B B . -1.83 -5.02 -1.30
H49 G0B B . 1.03 -4.52 -0.73
H49A G0B B . -0.31 -3.40 -0.50
H48 G0B B . -1.19 -4.90 1.28
H44 G0B B . 2.03 -2.92 2.75
H37 G0B B . 0.83 -1.78 0.39
H36 G0B B . 3.43 -1.15 1.86
HO41 G0B B . 1.78 0.04 3.13
H35 G0B B . 3.48 0.97 0.98
H38 G0B B . 3.63 -1.60 -0.78
H39 G0B B . 1.97 -2.84 -2.16
H39A G0B B . 2.46 -1.33 -2.93
HO42 G0B B . 0.15 -1.62 -2.89
H23 G0B B . 2.44 2.69 -0.02
H24 G0B B . 0.07 3.44 1.75
HO33 G0B B . 2.06 2.81 2.80
HN25 G0B B . -0.28 6.38 1.37
HN28 G0B B . 1.67 8.27 3.55
HN2A G0B B . 0.10 8.08 2.79
H20 G0B B . 0.14 5.83 -1.17
H20A G0B B . -0.91 4.77 -0.27
H21 G0B B . 1.47 3.91 -1.96
HN29 G0B B . -1.29 3.12 -2.55
HN32 G0B B . -1.13 4.72 -5.66
HN3A G0B B . -2.05 3.65 -4.63
H1 G0B B . -0.17 0.22 -0.27
H5 G0B B . -0.71 -1.24 1.49
H6 G0B B . -2.77 -0.03 3.37
H6A G0B B . -1.03 -0.14 3.69
HN12 G0B B . -2.99 -2.39 3.68
HN15 G0B B . -2.45 -4.14 4.88
HN1A G0B B . -0.81 -4.36 5.48
H4 G0B B . -3.72 -0.78 1.17
HO17 G0B B . -3.66 -3.06 0.79
H3 G0B B . -1.69 -1.79 -0.89
HO16 G0B B . -3.92 -2.46 -1.11
H2 G0B B . -3.11 0.92 -0.77
HN8 G0B B . -0.87 0.39 -2.61
HN11 G0B B . -4.67 0.74 -3.95
HN1B G0B B . -4.38 0.45 -2.24
H45 G0B B . 3.57 -4.81 2.13
HN51 G0B B . 1.36 -5.33 4.09
HN54 G0B B . 4.84 -5.01 3.41
HN5B G0B B . 5.25 -5.16 5.10
H46 G0B B . 2.40 -7.06 1.97
HO59 G0B B . 3.51 -6.08 0.22
H47 G0B B . 0.20 -6.95 0.72
HO60 G0B B . -0.94 -6.64 2.72
H22 G0B B . 0.78 1.61 -1.51
H19 G0B B . 2.07 5.14 0.18
HN10 G0B B . -2.92 0.81 -5.40
HN14 G0B B . 0.37 -1.36 4.16
HN27 G0B B . 3.12 5.53 1.91
HN31 G0B B . 0.80 5.64 -4.91
HN53 G0B B . 2.00 -5.46 6.24
HN57 G0B B . 1.11 -7.49 -2.51
HN3B G0B B . 1.42 5.24 -3.32
HN2B G0B B . 3.38 6.89 2.98
HN5C G0B B . 1.48 -6.25 -1.34
HN1C G0B B . -1.27 0.68 -4.81
HN5D G0B B . 3.71 -5.46 6.65
HN1D G0B B . 0.73 -2.75 5.15
C1 G0B B . -0.72 1.72 0.87
O18 G0B B . -0.78 2.84 0.01
C2 G0B B . -2.10 1.08 0.94
N8 G0B B . -2.55 0.70 -0.43
C3 G0B B . -2.05 -0.13 1.86
O16 G0B B . -3.40 -0.52 2.14
C4 G0B B . -1.40 0.23 3.17
O17 G0B B . -1.14 -0.99 3.89
C5 G0B B . -0.08 0.96 2.98
O7 G0B B . -0.32 2.09 2.18
C6 G0B B . 0.56 1.44 4.27
C19 G0B B . 1.16 5.57 -0.96
N25 G0B B . 1.13 6.91 -0.39
C24 G0B B . 1.60 4.52 0.06
C23 G0B B . 1.58 3.12 -0.54
O34 G0B B . 2.01 2.19 0.43
C22 G0B B . 0.18 2.77 -1.04
C21 G0B B . -0.26 3.80 -2.08
N29 G0B B . -1.63 3.51 -2.52
C20 G0B B . -0.21 5.21 -1.52
C35 G0B B . 2.86 1.20 -0.13
C36 G0B B . 3.24 0.18 0.93
C37 G0B B . 2.33 -0.99 0.64
C38 G0B B . 2.26 -0.91 -0.88
O40 G0B B . 2.19 0.47 -1.17
C39 G0B B . 1.07 -1.63 -1.49
C47 G0B B . 0.73 -5.23 2.77
C46 G0B B . 2.07 -4.95 3.43
C45 G0B B . 2.91 -4.06 2.52
C44 G0B B . 2.14 -2.84 2.04
O43 G0B B . 2.93 -2.20 1.06
C48 G0B B . 0.05 -3.92 2.42
O50 G0B B . 0.90 -3.26 1.48
C49 G0B B . -1.32 -4.08 1.80
N12 G0B B . 1.17 0.33 5.00
O41 G0B B . 2.98 0.68 2.25
O59 G0B B . 2.75 -6.19 3.61
O60 G0B B . -0.09 -5.95 3.70
O42 G0B B . -0.14 -1.02 -0.99
O33 G0B B . 2.96 4.80 0.43
N55 G0B B . -1.26 -4.79 0.51
N51 G0B B . 4.15 -3.67 3.23
C9 G0B B . -3.81 0.45 -0.79
N10 G0B B . -4.79 0.46 0.11
N11 G0B B . -4.10 0.18 -2.05
C13 G0B B . 2.41 0.34 5.50
N14 G0B B . 2.88 -0.74 6.10
N15 G0B B . 3.18 1.42 5.41
C26 G0B B . 2.17 7.74 -0.39
N27 G0B B . 2.04 8.96 0.12
N28 G0B B . 3.33 7.39 -0.92
C30 G0B B . -2.09 3.68 -3.75
N31 G0B B . -3.36 3.40 -4.03
N32 G0B B . -1.30 4.13 -4.73
C52 G0B B . 5.33 -3.40 2.66
N53 G0B B . 6.36 -3.09 3.43
N54 G0B B . 5.47 -3.43 1.34
C56 G0B B . -1.42 -6.10 0.34
N57 G0B B . -1.41 -6.62 -0.88
N58 G0B B . -1.60 -6.90 1.38
HN58 G0B B . -1.58 -6.53 2.32
HN5A G0B B . -1.75 -7.89 1.24
HN55 G0B B . -1.08 -4.22 -0.31
H49 G0B B . -1.77 -3.10 1.64
H49A G0B B . -1.97 -4.64 2.49
H48 G0B B . -0.03 -3.31 3.33
H44 G0B B . 1.96 -2.15 2.88
H37 G0B B . 1.34 -0.85 1.09
H36 G0B B . 4.28 -0.11 0.83
HO41 G0B B . 3.50 1.48 2.40
H35 G0B B . 3.77 1.67 -0.53
H38 G0B B . 3.18 -1.32 -1.29
H39 G0B B . 1.08 -2.69 -1.22
H39A G0B B . 1.09 -1.54 -2.58
HO42 G0B B . -0.90 -1.49 -1.36
H23 G0B B . 2.27 3.11 -1.38
H24 G0B B . 0.95 4.58 0.95
HO33 G0B B . 3.26 4.14 1.08
HN25 G0B B . 0.26 7.21 0.05
HN28 G0B B . 4.09 8.05 -0.96
HN2A G0B B . 3.46 6.46 -1.27
H20 G0B B . -0.48 5.92 -2.30
H20A G0B B . -0.97 5.32 -0.72
H21 G0B B . 0.40 3.72 -2.94
HN29 G0B B . -2.27 3.15 -1.81
HN32 G0B B . -1.66 4.23 -5.67
HN3A G0B B . -0.34 4.36 -4.54
H1 G0B B . 0.01 1.00 0.46
H5 G0B B . 0.62 0.30 2.46
H6 G0B B . -0.19 1.92 4.91
H6A G0B B . 1.33 2.18 4.04
HN12 G0B B . 0.63 -0.51 5.11
HN15 G0B B . 2.85 2.25 4.96
HN1A G0B B . 4.12 1.39 5.80
H4 G0B B . -2.08 0.85 3.76
HO17 G0B B . -1.98 -1.45 4.05
H3 G0B B . -1.51 -0.95 1.38
HO16 G0B B . -3.40 -1.22 2.82
H2 G0B B . -2.80 1.81 1.35
HN8 G0B B . -1.85 0.63 -1.14
HN11 G0B B . -5.06 -0.01 -2.32
HN1B G0B B . -3.37 0.16 -2.74
H45 G0B B . 3.19 -4.66 1.64
HN51 G0B B . 4.10 -3.59 4.24
HN54 G0B B . 4.69 -3.63 0.76
HN5B G0B B . 6.38 -3.24 0.93
H46 G0B B . 1.92 -4.46 4.39
HO59 G0B B . 2.21 -6.77 4.16
H47 G0B B . 0.87 -5.84 1.87
HO60 G0B B . -0.18 -5.43 4.53
H22 G0B B . 0.17 1.78 -1.48
H19 G0B B . 1.87 5.58 -1.79
HN10 G0B B . -5.75 0.30 -0.17
HN14 G0B B . 3.82 -0.74 6.47
HN27 G0B B . 2.83 9.59 0.13
HN31 G0B B . -3.70 3.54 -4.97
HN53 G0B B . 6.24 -3.08 4.43
HN57 G0B B . -1.52 -7.62 -1.00
HN3B G0B B . -3.97 3.06 -3.30
HN2B G0B B . 1.15 9.25 0.51
HN5C G0B B . -1.27 -6.02 -1.68
HN1C G0B B . -4.57 0.61 1.07
HN5D G0B B . 7.26 -2.88 3.00
HN1D G0B B . 2.29 -1.56 6.17
C1 G0B B . -1.27 1.09 1.61
O18 G0B B . 0.06 1.45 1.34
C2 G0B B . -1.19 -0.19 2.46
N8 G0B B . -0.53 0.13 3.74
C3 G0B B . -2.55 -0.82 2.68
O16 G0B B . -2.36 -2.16 3.09
C4 G0B B . -3.37 -0.85 1.39
O17 G0B B . -4.72 -1.17 1.75
C5 G0B B . -3.35 0.51 0.72
O7 G0B B . -2.00 0.81 0.43
C6 G0B B . -4.14 0.58 -0.58
C19 G0B B . 1.65 4.05 -1.53
N25 G0B B . 2.69 4.42 -2.50
C24 G0B B . 0.84 2.86 -2.03
C23 G0B B . 0.47 1.85 -0.95
O34 G0B B . 1.57 0.97 -0.76
C22 G0B B . 0.18 2.50 0.39
C21 G0B B . 1.28 3.47 0.87
N29 G0B B . 1.95 2.95 2.07
C20 G0B B . 2.32 3.73 -0.20
C35 G0B B . 1.73 -0.04 -1.74
C36 G0B B . 2.09 -1.33 -1.02
C37 G0B B . 0.73 -1.95 -0.79
C38 G0B B . 0.06 -1.62 -2.11
O40 G0B B . 0.52 -0.32 -2.45
C39 G0B B . -1.47 -1.60 -2.05
C47 G0B B . 0.70 -6.28 -0.61
C46 G0B B . 0.33 -6.19 0.86
C45 G0B B . 0.12 -4.73 1.25
C44 G0B B . -0.31 -3.88 0.06
O43 G0B B . 0.85 -3.35 -0.57
C48 G0B B . -0.43 -5.71 -1.48
O50 G0B B . -1.09 -4.64 -0.83
C49 G0B B . 0.02 -5.25 -2.86
N12 G0B B . -5.60 0.50 -0.30
O41 G0B B . 2.72 -1.05 0.24
O59 G0B B . 1.42 -6.69 1.63
O60 G0B B . 0.85 -7.66 -0.95
O42 G0B B . -1.95 -1.18 -3.34
O33 G0B B . -0.40 3.38 -2.55
N55 G0B B . 0.66 -6.35 -3.60
N51 G0B B . -0.87 -4.62 2.34
C9 G0B B . 0.08 -0.75 4.54
N10 G0B B . 0.67 -0.34 5.65
N11 G0B B . 0.09 -2.04 4.26
C13 G0B B . -6.54 1.12 -1.00
N14 G0B B . -7.80 1.01 -0.62
N15 G0B B . -6.25 1.86 -2.06
C26 G0B B . 2.44 4.99 -3.67
N27 G0B B . 3.45 5.30 -4.48
N28 G0B B . 1.19 5.22 -4.07
C30 G0B B . 2.46 3.72 3.03
N31 G0B B . 2.40 5.03 2.99
N32 G0B B . 3.06 3.13 4.07
C52 G0B B . -0.67 -5.01 3.61
N53 G0B B . 0.45 -5.59 3.98
N54 G0B B . -1.61 -4.80 4.52
C56 G0B B . 0.96 -6.31 -4.90
N57 G0B B . 1.53 -7.36 -5.48
N58 G0B B . 0.71 -5.22 -5.62
HN58 G0B B . 0.28 -4.42 -5.20
HN5A G0B B . 0.95 -5.22 -6.60
HN55 G0B B . 0.86 -7.20 -3.08
H49 G0B B . 0.74 -4.42 -2.78
H49A G0B B . -0.84 -4.89 -3.41
H48 G0B B . -1.16 -6.50 -1.63
H44 G0B B . -0.92 -3.04 0.43
H37 G0B B . 0.23 -1.47 0.06
H36 G0B B . 2.71 -1.98 -1.64
HO41 G0B B . 2.23 -0.37 0.70
H35 G0B B . 2.52 0.24 -2.45
H38 G0B B . 0.39 -2.32 -2.86
H39 G0B B . -1.81 -0.91 -1.29
H39A G0B B . -1.86 -2.60 -1.83
HO42 G0B B . -1.54 -0.32 -3.55
H23 G0B B . -0.41 1.28 -1.25
H24 G0B B . 1.38 2.35 -2.85
HO33 G0B B . -0.91 2.66 -2.95
HN25 G0B B . 3.65 4.24 -2.25
HN28 G0B B . 1.02 5.68 -4.96
HN2A G0B B . 0.42 4.97 -3.46
H20 G0B B . 2.96 4.57 0.11
H20A G0B B . 2.98 2.87 -0.31
H21 G0B B . 0.80 4.41 1.13
HN29 G0B B . 2.01 1.95 2.15
HN32 G0B B . 3.45 3.70 4.81
HN3A G0B B . 3.11 2.13 4.12
H1 G0B B . -1.77 1.88 2.19
H5 G0B B . -3.74 1.26 1.41
H6 G0B B . -3.87 -0.25 -1.24
H6A G0B B . -3.93 1.51 -1.10
HN12 G0B B . -5.87 -0.08 0.48
HN15 G0B B . -5.30 1.96 -2.37
HN1A G0B B . -7.00 2.33 -2.56
H4 G0B B . -2.98 -1.62 0.72
HO17 G0B B . -4.76 -2.03 2.18
H3 G0B B . -3.10 -0.25 3.43
HO16 G0B B . -3.12 -2.46 3.61
H2 G0B B . -0.56 -0.90 1.92
HN8 G0B B . -0.54 1.09 4.04
HN11 G0B B . 0.58 -2.67 4.88
HN1B G0B B . -0.39 -2.38 3.44
H45 G0B B . 1.07 -4.32 1.61
HN51 G0B B . -1.77 -4.21 2.12
HN54 G0B B . -2.47 -4.35 4.28
HN5B G0B B . -1.43 -5.10 5.47
H46 G0B B . -0.58 -6.77 1.04
HO59 G0B B . 1.55 -7.63 1.44
H47 G0B B . 1.65 -5.75 -0.78
HO60 G0B B . 1.60 -8.04 -0.45
H22 G0B B . -0.77 3.04 0.33
H19 G0B B . 0.99 4.91 -1.39
HN10 G0B B . 1.12 -1.02 6.24
HN14 G0B B . -8.03 0.43 0.18
HN27 G0B B . 3.25 5.75 -5.37
HN31 G0B B . 2.80 5.59 3.73
HN53 G0B B . 1.16 -5.80 3.29
HN57 G0B B . 1.76 -7.33 -6.46
HN3B G0B B . 1.95 5.49 2.21
HN2B G0B B . 4.39 5.12 -4.19
HN5C G0B B . 1.71 -8.19 -4.94
HN1C G0B B . 0.69 0.64 5.88
HN5D G0B B . 0.59 -5.83 4.94
HN1D G0B B . -8.53 1.49 -1.13
C1 G0B B . -2.90 0.94 -0.65
O18 G0B B . -2.76 2.35 -0.67
C2 G0B B . -4.38 0.61 -0.88
N8 G0B B . -4.89 1.26 -2.11
C3 G0B B . -4.50 -0.91 -0.96
O16 G0B B . -5.87 -1.27 -1.14
C4 G0B B . -4.03 -1.48 0.37
O17 G0B B . -4.02 -2.91 0.26
C5 G0B B . -2.60 -1.03 0.65
O7 G0B B . -2.52 0.39 0.60
C6 G0B B . -2.13 -1.47 2.04
C19 G0B B . 0.97 4.08 -1.14
N25 G0B B . 2.37 4.55 -1.17
C24 G0B B . 0.79 2.83 -2.00
C23 G0B B . -0.54 2.09 -1.76
O34 G0B B . -0.21 0.81 -1.23
C22 G0B B . -1.45 2.91 -0.85
C21 G0B B . -0.83 3.35 0.47
N29 G0B B . -0.91 2.32 1.50
C20 G0B B . 0.62 3.77 0.30
C35 G0B B . 0.41 0.02 -2.23
C36 G0B B . 0.59 -1.42 -1.77
C37 G0B B . -0.55 -2.16 -2.44
C38 G0B B . -0.65 -1.41 -3.75
O40 G0B B . -0.40 -0.05 -3.41
C39 G0B B . -2.02 -1.52 -4.41
C47 G0B B . -3.18 -6.36 -2.67
C46 G0B B . -1.81 -6.81 -2.21
C45 G0B B . -0.75 -5.80 -2.63
C44 G0B B . -1.16 -4.40 -2.17
O43 G0B B . -0.17 -3.51 -2.69
C48 G0B B . -3.45 -4.95 -2.18
O50 G0B B . -2.44 -4.10 -2.71
C49 G0B B . -4.80 -4.39 -2.60
N12 G0B B . -0.67 -1.38 2.16
O41 G0B B . 0.47 -1.53 -0.35
O59 G0B B . -1.51 -8.06 -2.86
O60 G0B B . -4.15 -7.23 -2.08
O42 G0B B . -2.00 -0.69 -5.57
O33 G0B B . 0.82 3.19 -3.38
N55 G0B B . -4.88 -4.22 -4.07
N51 G0B B . 0.56 -6.18 -2.08
C9 G0B B . -6.15 1.65 -2.28
N10 G0B B . -6.50 2.26 -3.40
N11 G0B B . -7.08 1.45 -1.36
C13 G0B B . 0.00 -1.75 3.25
N14 G0B B . 1.32 -1.64 3.30
N15 G0B B . -0.64 -2.23 4.31
C26 G0B B . 2.95 5.20 -2.18
N27 G0B B . 4.20 5.61 -2.07
N28 G0B B . 2.28 5.46 -3.31
C30 G0B B . -0.74 2.55 2.81
N31 G0B B . -0.50 3.77 3.26
N32 G0B B . -0.81 1.55 3.67
C52 G0B B . 1.74 -5.96 -2.67
N53 G0B B . 2.85 -6.36 -2.08
N54 G0B B . 1.81 -5.34 -3.84
C56 G0B B . -5.44 -3.17 -4.67
N57 G0B B . -5.99 -2.19 -3.97
N58 G0B B . -5.47 -3.12 -5.99
HN58 G0B B . -5.05 -3.87 -6.54
HN5A G0B B . -5.89 -2.33 -6.46
HN55 G0B B . -4.48 -4.94 -4.64
H49 G0B B . -4.96 -3.42 -2.13
H49A G0B B . -5.60 -5.06 -2.28
H48 G0B B . -3.39 -4.94 -1.09
H44 G0B B . -1.17 -4.34 -1.07
H37 G0B B . -1.47 -2.09 -1.87
H36 G0B B . 1.56 -1.81 -2.10
HO41 G0B B . 0.62 -2.45 -0.08
H35 G0B B . 1.40 0.42 -2.49
H38 G0B B . 0.13 -1.76 -4.43
H39 G0B B . -2.81 -1.19 -3.73
H39A G0B B . -2.21 -2.55 -4.72
HO42 G0B B . -1.76 0.21 -5.31
H23 G0B B . -1.04 1.96 -2.72
H24 G0B B . 1.62 2.15 -1.76
HO33 G0B B . 0.76 2.40 -3.93
HN25 G0B B . 2.93 4.35 -0.36
HN28 G0B B . 2.72 5.98 -4.04
HN2A G0B B . 1.33 5.14 -3.41
H20 G0B B . 0.83 4.64 0.93
H20A G0B B . 1.27 2.97 0.66
H21 G0B B . -1.41 4.22 0.83
HN29 G0B B . -1.12 1.38 1.19
HN32 G0B B . -0.67 1.73 4.64
HN3A G0B B . -0.98 0.61 3.33
H1 G0B B . -2.32 0.48 -1.47
H5 G0B B . -1.93 -1.47 -0.10
H6 G0B B . -2.43 -2.50 2.23
H6A G0B B . -2.57 -0.81 2.78
HN12 G0B B . -0.15 -1.01 1.37
HN15 G0B B . -1.66 -2.33 4.29
HN1A G0B B . -0.12 -2.51 5.13
H4 G0B B . -4.70 -1.16 1.17
HO17 G0B B . -4.93 -3.22 0.17
H3 G0B B . -3.91 -1.29 -1.77
HO16 G0B B . -6.39 -1.05 -0.35
H2 G0B B . -4.95 0.97 -0.03
HN8 G0B B . -4.23 1.41 -2.86
HN11 G0B B . -8.02 1.80 -1.53
HN1B G0B B . -6.86 0.95 -0.51
H45 G0B B . -0.70 -5.80 -3.72
HN51 G0B B . 0.57 -6.64 -1.17
HN54 G0B B . 0.97 -5.02 -4.29
HN5B G0B B . 2.71 -5.21 -4.28
H46 G0B B . -1.79 -6.95 -1.12
HO59 G0B B . -0.64 -8.37 -2.59
H47 G0B B . -3.26 -6.41 -3.76
HO60 G0B B . -3.97 -8.14 -2.34
H22 G0B B . -1.62 3.83 -1.41
H19 G0B B . 0.34 4.89 -1.50
HN10 G0B B . -7.46 2.57 -3.51
HN14 G0B B . 1.82 -1.28 2.51
HN27 G0B B . 4.72 5.43 -1.23
HN31 G0B B . -0.38 3.92 4.25
HN53 G0B B . 2.81 -6.83 -1.19
HN57 G0B B . -6.42 -1.41 -4.46
HN3B G0B B . -0.45 4.55 2.62
HN2B G0B B . 4.64 6.09 -2.84
HN5C G0B B . -5.98 -2.20 -2.97
HN1C G0B B . -5.82 2.44 -4.12
HN5D G0B B . 3.75 -6.19 -2.53
HN1D G0B B . 1.81 -1.93 4.13
C1 G0B B . -3.63 1.06 1.08
O18 G0B B . -2.32 1.12 1.59
C2 G0B B . -3.92 -0.41 0.76
N8 G0B B . -3.89 -1.22 2.00
C3 G0B B . -5.25 -0.56 0.04
O16 G0B B . -4.95 -1.01 -1.29
C4 G0B B . -6.02 0.75 -0.07
O17 G0B B . -6.54 1.04 1.22
C5 G0B B . -5.16 1.95 -0.50
O7 G0B B . -3.79 1.76 -0.13
C6 G0B B . -5.20 2.21 -1.99
C19 G0B B . 0.07 4.53 1.60
N25 G0B B . 1.23 5.43 1.73
C24 G0B B . 0.38 3.43 0.60
C23 G0B B . -0.81 2.49 0.37
O34 G0B B . -0.28 1.19 0.14
C22 G0B B . -1.73 2.42 1.58
C21 G0B B . -0.99 2.61 2.90
N29 G0B B . -0.01 1.54 3.11
C20 G0B B . -0.25 3.95 2.98
C35 G0B B . 0.27 1.03 -1.14
C36 G0B B . 0.58 -0.45 -1.36
C37 G0B B . -0.66 -0.95 -2.08
C38 G0B B . -1.00 0.24 -2.95
O40 G0B B . -0.66 1.38 -2.17
C39 G0B B . -2.48 0.33 -3.32
C47 G0B B . 0.06 -5.11 -2.47
C46 G0B B . -1.32 -5.10 -1.83
C45 G0B B . -1.86 -3.68 -1.84
C44 G0B B . -1.43 -2.91 -3.11
O43 G0B B . -0.31 -2.09 -2.84
C48 G0B B . -0.06 -4.72 -3.95
O50 G0B B . -1.16 -3.82 -4.16
C49 G0B B . 1.21 -4.12 -4.53
N12 G0B B . -6.53 2.68 -2.41
O41 G0B B . 0.70 -1.13 -0.11
O59 G0B B . -1.17 -5.47 -0.45
O60 G0B B . 0.55 -6.45 -2.43
O42 G0B B . -2.70 1.61 -3.91
O33 G0B B . 0.69 4.04 -0.67
N55 G0B B . 1.09 -3.94 -5.98
N51 G0B B . -3.33 -3.68 -1.69
C9 G0B B . -2.80 -1.83 2.48
N10 G0B B . -1.61 -1.69 1.89
N11 G0B B . -2.90 -2.58 3.56
C13 G0B B . -6.76 3.41 -3.50
N14 G0B B . -7.99 3.80 -3.79
N15 G0B B . -5.77 3.76 -4.31
C26 G0B B . 1.16 6.73 1.99
N27 G0B B . 2.27 7.45 2.08
N28 G0B B . -0.01 7.33 2.16
C30 G0B B . -0.23 0.46 3.88
N31 G0B B . 0.73 -0.46 4.01
N32 G0B B . -1.38 0.27 4.50
C52 G0B B . -4.22 -4.12 -2.58
N53 G0B B . -3.85 -4.61 -3.75
N54 G0B B . -5.51 -4.09 -2.28
C56 G0B B . 0.76 -2.78 -6.57
N57 G0B B . 0.71 -2.69 -7.89
N58 G0B B . 0.48 -1.70 -5.85
HN58 G0B B . 0.49 -1.76 -4.84
HN5A G0B B . 0.25 -0.84 -6.32
HN55 G0B B . 1.27 -4.73 -6.58
H49 G0B B . 2.05 -4.79 -4.34
H49A G0B B . 1.43 -3.16 -4.07
H48 G0B B . -0.28 -5.62 -4.51
H44 G0B B . -2.26 -2.27 -3.44
H37 G0B B . -1.45 -1.17 -1.36
H36 G0B B . 1.46 -0.58 -1.97
HO41 G0B B . 1.44 -0.77 0.39
H35 G0B B . 1.20 1.63 -1.24
H38 G0B B . -0.39 0.23 -3.84
H39 G0B B . -3.09 0.23 -2.42
H39A G0B B . -2.76 -0.46 -4.02
HO42 G0B B . -2.33 2.29 -3.35
H23 G0B B . -1.38 2.81 -0.50
H24 G0B B . 1.24 2.85 0.94
HO33 G0B B . 1.42 4.66 -0.56
HN25 G0B B . 2.15 5.02 1.61
HN28 G0B B . -0.05 8.32 2.35
HN2A G0B B . -0.87 6.80 2.10
H20 G0B B . -0.84 4.69 3.55
H20A G0B B . 0.67 3.82 3.55
H21 G0B B . -1.70 2.58 3.72
HN29 G0B B . 0.87 1.62 2.64
HN32 G0B B . -1.49 -0.57 5.07
HN3A G0B B . -2.12 0.94 4.43
H1 G0B B . -4.33 1.45 1.84
H5 G0B B . -5.52 2.84 0.02
H6 G0B B . -4.96 1.30 -2.54
H6A G0B B . -4.47 2.97 -2.25
HN12 G0B B . -7.33 2.42 -1.84
HN15 G0B B . -4.82 3.47 -4.11
HN1A G0B B . -5.97 4.34 -5.12
H4 G0B B . -6.86 0.63 -0.77
HO17 G0B B . -7.32 0.49 1.39
H3 G0B B . -5.87 -1.31 0.54
HO16 G0B B . -5.78 -1.14 -1.78
H2 G0B B . -3.13 -0.76 0.10
HN8 G0B B . -4.74 -1.35 2.51
HN11 G0B B . -2.08 -3.03 3.94
HN1B G0B B . -3.81 -2.68 4.00
H45 G0B B . -1.44 -3.16 -0.98
HN51 G0B B . -3.69 -3.30 -0.82
HN54 G0B B . -5.81 -3.73 -1.38
HN5B G0B B . -6.18 -4.44 -2.95
H46 G0B B . -1.99 -5.78 -2.33
HO59 G0B B . -0.91 -6.40 -0.39
H47 G0B B . 0.73 -4.44 -1.93
HO60 G0B B . 0.71 -6.72 -1.52
H22 G0B B . -2.52 3.17 1.49
H19 G0B B . -0.78 5.11 1.24
HN10 G0B B . -0.81 -2.19 2.25
HN14 G0B B . -8.75 3.53 -3.19
HN27 G0B B . 3.17 7.00 1.95
HN31 G0B B . 0.53 -1.27 4.58
HN53 G0B B . -2.86 -4.63 -3.99
HN57 G0B B . 0.46 -1.82 -8.32
HN3B G0B B . 1.62 -0.33 3.56
HN2B G0B B . 2.21 8.43 2.28
HN5C G0B B . 0.91 -3.50 -8.46
HN1C G0B B . -1.51 -1.09 1.08
HN5D G0B B . -4.54 -4.96 -4.39
HN1D G0B B . -8.15 4.37 -4.61
C1 G0B B . -1.83 1.74 1.42
O18 G0B B . -0.63 2.43 1.08
C2 G0B B . -1.49 0.28 1.68
N8 G0B B . -0.67 0.12 2.89
C3 G0B B . -2.75 -0.55 1.87
O16 G0B B . -2.36 -1.93 1.80
C4 G0B B . -3.78 -0.29 0.77
O17 G0B B . -5.02 -0.88 1.19
C5 G0B B . -4.01 1.20 0.61
O7 G0B B . -2.76 1.83 0.36
C6 G0B B . -4.91 1.52 -0.59
C19 G0B B . 1.78 4.88 0.08
N25 G0B B . 3.25 4.84 -0.04
C24 G0B B . 1.13 3.86 -0.86
C23 G0B B . -0.39 3.98 -0.75
O34 G0B B . -1.06 3.13 -1.67
C22 G0B B . -0.89 3.76 0.68
C21 G0B B . -0.16 4.71 1.64
N29 G0B B . -0.54 4.43 3.03
C20 G0B B . 1.36 4.60 1.50
C35 G0B B . -0.49 1.85 -1.81
C36 G0B B . -1.56 0.85 -2.18
C37 G0B B . -0.73 -0.28 -2.74
C38 G0B B . 0.43 0.45 -3.41
O40 G0B B . 0.46 1.77 -2.87
C39 G0B B . 0.27 0.55 -4.92
C47 G0B B . 1.58 -4.59 -2.70
C46 G0B B . 1.13 -4.45 -1.25
C45 G0B B . 0.85 -2.99 -0.91
C44 G0B B . -0.07 -2.37 -1.96
O43 G0B B . -0.22 -1.01 -1.64
C48 G0B B . 0.58 -3.91 -3.63
O50 G0B B . 0.51 -2.55 -3.24
C49 G0B B . 0.95 -3.96 -5.10
N12 G0B B . -6.30 1.13 -0.33
O41 G0B B . -2.38 1.40 -3.23
O59 G0B B . 2.22 -4.91 -0.42
O60 G0B B . 1.61 -5.98 -3.03
O42 G0B B . 1.42 1.23 -5.44
O33 G0B B . 1.51 4.19 -2.20
N55 G0B B . -0.11 -3.35 -5.91
N51 G0B B . 0.26 -2.88 0.44
C9 G0B B . 0.64 0.34 3.01
N10 G0B B . 1.38 0.77 2.01
N11 G0B B . 1.22 0.10 4.18
C13 G0B B . -7.34 1.61 -1.01
N14 G0B B . -7.19 2.45 -2.03
N15 G0B B . -8.57 1.24 -0.68
C26 G0B B . 4.04 5.89 0.23
N27 G0B B . 5.36 5.78 0.09
N28 G0B B . 3.55 7.04 0.65
C30 G0B B . -0.42 5.30 4.02
N31 G0B B . 0.07 6.52 3.82
N32 G0B B . -0.78 4.96 5.26
C52 G0B B . 0.96 -2.88 1.58
N53 G0B B . 2.28 -2.98 1.58
N54 G0B B . 0.33 -2.75 2.73
C56 G0B B . 0.09 -2.72 -7.07
N57 G0B B . -0.93 -2.19 -7.72
N58 G0B B . 1.30 -2.63 -7.61
HN58 G0B B . 2.10 -3.02 -7.13
HN5A G0B B . 1.41 -2.13 -8.48
HN55 G0B B . -1.05 -3.41 -5.56
H49 G0B B . 1.09 -4.99 -5.42
H49A G0B B . 1.88 -3.41 -5.26
H48 G0B B . -0.40 -4.37 -3.50
H44 G0B B . -1.07 -2.86 -1.94
H37 G0B B . -1.30 -0.92 -3.42
H36 G0B B . -2.17 0.51 -1.33
HO41 G0B B . -2.79 2.20 -2.91
H35 G0B B . 0.00 1.54 -0.86
H38 G0B B . 1.37 -0.06 -3.17
H39 G0B B . -0.63 1.10 -5.17
H39A G0B B . 0.21 -0.45 -5.36
HO42 G0B B . 1.46 2.11 -5.06
H23 G0B B . -0.65 5.01 -1.03
H24 G0B B . 1.47 2.86 -0.60
HO33 G0B B . 1.08 3.55 -2.80
HN25 G0B B . 3.67 3.99 -0.35
HN28 G0B B . 4.19 7.79 0.87
HN2A G0B B . 2.55 7.18 0.74
H20 G0B B . 1.86 5.30 2.19
H20A G0B B . 1.68 3.60 1.79
H21 G0B B . -0.46 5.73 1.40
HN29 G0B B . -0.93 3.52 3.23
HN32 G0B B . -0.65 5.60 6.02
HN3A G0B B . -1.17 4.05 5.43
H1 G0B B . -2.25 2.20 2.33
H5 G0B B . -4.45 1.62 1.52
H6 G0B B . -4.54 0.99 -1.47
H6A G0B B . -4.86 2.59 -0.79
HN12 G0B B . -6.47 0.47 0.41
HN15 G0B B . -8.72 0.58 0.08
HN1A G0B B . -9.36 1.60 -1.20
H4 G0B B . -3.45 -0.73 -0.16
HO17 G0B B . -4.90 -1.84 1.30
H3 G0B B . -3.19 -0.34 2.84
HO16 G0B B . -3.14 -2.49 2.00
H2 G0B B . -0.94 -0.12 0.82
HN8 G0B B . -1.14 -0.19 3.74
HN11 G0B B . 2.21 0.26 4.30
HN1B G0B B . 0.66 -0.24 4.95
H45 G0B B . 1.78 -2.42 -0.91
HN51 G0B B . -0.75 -2.81 0.51
HN54 G0B B . -0.68 -2.66 2.75
HN5B G0B B . 0.85 -2.76 3.60
H46 G0B B . 0.25 -5.06 -1.08
HO59 G0B B . 2.37 -5.85 -0.57
H47 G0B B . 2.58 -4.16 -2.82
HO60 G0B B . 2.29 -6.43 -2.52
H22 G0B B . -1.95 3.97 0.72
H19 G0B B . 1.44 5.88 -0.21
HN10 G0B B . 2.38 0.89 2.13
HN14 G0B B . -6.27 2.73 -2.33
HN27 G0B B . 5.76 4.91 -0.25
HN31 G0B B . 0.18 7.16 4.59
HN53 G0B B . 2.77 -3.12 0.71
HN57 G0B B . -0.75 -1.72 -8.60
HN3B G0B B . 0.32 6.82 2.89
HN2B G0B B . 5.95 6.56 0.33
HN5C G0B B . -1.87 -2.26 -7.36
HN1C G0B B . 0.94 0.97 1.12
HN5D G0B B . 2.80 -2.92 2.45
HN1D G0B B . -8.01 2.80 -2.49
C1 G0B B . -0.75 0.22 -0.38
O18 G0B B . -0.76 1.61 -0.14
C2 G0B B . -1.99 -0.08 -1.24
N8 G0B B . -1.81 0.52 -2.58
C3 G0B B . -2.24 -1.58 -1.35
O16 G0B B . -3.58 -1.77 -1.86
C4 G0B B . -2.17 -2.24 0.02
O17 G0B B . -2.24 -3.66 -0.17
C5 G0B B . -0.84 -1.90 0.65
O7 G0B B . -0.81 -0.50 0.84
C6 G0B B . -0.62 -2.57 2.01
C19 G0B B . 0.47 4.06 1.81
N25 G0B B . -0.20 4.47 3.06
C24 G0B B . 0.91 2.60 1.92
C23 G0B B . 1.49 2.09 0.60
O34 G0B B . 1.86 0.73 0.72
C22 G0B B . 0.44 2.25 -0.51
C21 G0B B . 0.11 3.73 -0.65
N29 G0B B . -0.87 3.87 -1.73
C20 G0B B . -0.48 4.27 0.64
C35 G0B B . 3.01 0.45 -0.05
C36 G0B B . 3.24 -1.05 -0.13
C37 G0B B . 2.84 -1.41 -1.54
C38 G0B B . 3.20 -0.14 -2.29
O40 G0B B . 2.88 0.91 -1.40
C39 G0B B . 2.46 0.07 -3.61
C47 G0B B . 5.48 -4.37 -3.57
C46 G0B B . 4.26 -5.27 -3.70
C45 G0B B . 3.08 -4.62 -3.01
C44 G0B B . 3.10 -3.10 -3.16
O43 G0B B . 3.62 -2.52 -1.97
C48 G0B B . 5.23 -3.05 -4.30
O50 G0B B . 3.84 -2.72 -4.30
C49 G0B B . 6.03 -1.88 -3.77
N12 G0B B . -1.53 -2.05 3.04
O41 G0B B . 2.38 -1.75 0.79
O59 G0B B . 4.55 -6.50 -3.01
O60 G0B B . 6.58 -5.02 -4.23
O42 G0B B . 1.04 0.01 -3.36
O33 G0B B . 1.95 2.52 2.90
N55 G0B B . 5.77 -0.66 -4.57
N51 G0B B . 1.81 -5.19 -3.48
C9 G0B B . -2.77 0.85 -3.44
N10 G0B B . -4.04 0.63 -3.16
N11 G0B B . -2.45 1.41 -4.60
C13 G0B B . -1.23 -1.03 3.83
N14 G0B B . -0.09 -0.36 3.72
N15 G0B B . -2.10 -0.67 4.77
C26 G0B B . 0.04 5.61 3.71
N27 G0B B . 0.89 6.51 3.24
N28 G0B B . -0.60 5.84 4.85
C30 G0B B . -0.67 4.56 -2.86
N31 G0B B . 0.47 5.22 -3.08
N32 G0B B . -1.63 4.61 -3.76
C52 G0B B . 1.28 -5.04 -4.70
N53 G0B B . 0.14 -5.63 -5.00
N54 G0B B . 1.86 -4.28 -5.61
C56 G0B B . 6.17 0.56 -4.21
N57 G0B B . 5.84 1.60 -4.97
N58 G0B B . 6.88 0.76 -3.11
HN58 G0B B . 7.14 -0.01 -2.53
HN5A G0B B . 7.16 1.71 -2.87
HN55 G0B B . 5.25 -0.77 -5.42
H49 G0B B . 7.10 -2.10 -3.82
H49A G0B B . 5.78 -1.67 -2.73
H48 G0B B . 5.52 -3.19 -5.34
H44 G0B B . 2.06 -2.75 -3.29
H37 G0B B . 1.77 -1.64 -1.61
H36 G0B B . 4.28 -1.30 0.05
HO41 G0B B . 2.62 -1.50 1.69
H35 G0B B . 3.89 0.93 0.42
H38 G0B B . 4.28 -0.13 -2.47
H39 G0B B . 2.74 -0.68 -4.34
H39A G0B B . 2.71 1.06 -4.02
HO42 G0B B . 0.59 0.03 -4.21
H23 G0B B . 2.37 2.68 0.35
H24 G0B B . 0.07 1.97 2.22
HO33 G0B B . 2.30 1.62 2.94
HN25 G0B B . -0.88 3.83 3.44
HN28 G0B B . -0.44 6.70 5.35
HN2A G0B B . -1.25 5.15 5.20
H20 G0B B . -0.72 5.33 0.52
H20A G0B B . -1.43 3.77 0.85
H21 G0B B . 1.01 4.28 -0.90
HN29 G0B B . -1.75 3.42 -1.61
HN32 G0B B . -1.49 5.14 -4.61
HN3A G0B B . -2.49 4.12 -3.62
H1 G0B B . 0.16 -0.07 -0.93
H5 G0B B . -0.04 -2.19 -0.03
H6 G0B B . 0.42 -2.41 2.33
H6A G0B B . -0.77 -3.65 1.92
HN12 G0B B . -2.42 -2.49 3.15
HN15 G0B B . -2.97 -1.18 4.84
HN1A G0B B . -1.89 0.09 5.39
H4 G0B B . -3.01 -1.90 0.64
HO17 G0B B . -3.10 -3.91 -0.52
H3 G0B B . -1.52 -2.04 -2.03
HO16 G0B B . -3.74 -2.70 -2.00
H2 G0B B . -2.86 0.39 -0.76
HN8 G0B B . -0.85 0.70 -2.86
HN11 G0B B . -3.17 1.64 -5.26
HN1B G0B B . -1.48 1.61 -4.81
H45 G0B B . 3.16 -4.84 -1.94
HN51 G0B B . 1.30 -5.78 -2.83
HN54 G0B B . 2.73 -3.81 -5.40
HN5B G0B B . 1.45 -4.18 -6.53
H46 G0B B . 4.05 -5.47 -4.76
HO59 G0B B . 3.79 -7.10 -3.10
H47 G0B B . 5.72 -4.22 -2.51
HO60 G0B B . 6.71 -5.89 -3.83
H22 G0B B . 0.82 1.86 -1.46
H19 G0B B . 1.35 4.68 1.66
HN10 G0B B . -4.75 0.92 -3.82
HN14 G0B B . 0.56 -0.61 2.99
HN27 G0B B . 1.39 6.35 2.38
HN31 G0B B . 0.58 5.74 -3.93
HN53 G0B B . -0.33 -6.21 -4.31
HN57 G0B B . 6.15 2.52 -4.69
HN3B G0B B . 1.21 5.18 -2.41
HN2B G0B B . 1.05 7.36 3.77
HN5C G0B B . 5.31 1.47 -5.81
HN1C G0B B . -4.29 0.16 -2.31
HN5D G0B B . -0.27 -5.51 -5.92
HN1D G0B B . 0.12 0.40 4.35
C1 G0B B . -0.70 0.84 0.96
O18 G0B B . -0.66 2.07 0.26
C2 G0B B . -2.09 0.25 0.80
N8 G0B B . -2.43 0.09 -0.63
C3 G0B B . -2.14 -1.08 1.53
O16 G0B B . -3.50 -1.52 1.58
C4 G0B B . -1.68 -0.90 2.97
O17 G0B B . -1.50 -2.20 3.55
C5 G0B B . -0.34 -0.18 3.05
O7 G0B B . -0.45 1.05 2.34
C6 G0B B . 0.07 0.15 4.49
C19 G0B B . 1.35 4.81 0.51
N25 G0B B . 1.08 5.93 1.42
C24 G0B B . 1.61 3.50 1.25
C23 G0B B . 1.77 2.35 0.26
O34 G0B B . 2.07 1.14 0.94
C22 G0B B . 0.49 2.20 -0.57
C21 G0B B . 0.33 3.49 -1.37
N29 G0B B . -0.82 3.38 -2.28
C20 G0B B . 0.16 4.67 -0.44
C35 G0B B . 2.97 0.35 0.18
C36 G0B B . 3.19 -0.99 0.87
C37 G0B B . 2.30 -1.94 0.11
C38 G0B B . 2.42 -1.37 -1.29
O40 G0B B . 2.44 0.04 -1.11
C39 G0B B . 1.29 -1.77 -2.24
C47 G0B B . 1.10 -6.42 2.18
C46 G0B B . 2.58 -6.21 2.41
C45 G0B B . 3.15 -5.24 1.38
C44 G0B B . 2.31 -3.97 1.26
O43 G0B B . 2.82 -3.26 0.14
C48 G0B B . 0.41 -5.06 2.13
O50 G0B B . 0.95 -4.33 1.04
C49 G0B B . -1.10 -5.11 1.98
N12 G0B B . 1.37 0.84 4.53
O41 G0B B . 2.78 -0.94 2.25
O59 G0B B . 3.24 -7.48 2.26
O60 G0B B . 0.59 -7.17 3.29
O42 G0B B . 0.05 -1.29 -1.69
O33 G0B B . 2.86 3.59 1.95
N55 G0B B . -1.74 -5.55 3.23
N51 G0B B . 4.56 -4.91 1.69
C9 G0B B . -3.67 0.04 -1.12
N10 G0B B . -4.73 0.08 -0.30
N11 G0B B . -3.86 -0.05 -2.42
C13 G0B B . 2.49 0.32 5.03
N14 G0B B . 2.54 -0.92 5.49
N15 G0B B . 3.59 1.05 5.07
C26 G0B B . 2.00 6.63 2.08
N27 G0B B . 3.29 6.29 2.02
N28 G0B B . 1.63 7.67 2.80
C30 G0B B . -0.89 4.00 -3.46
N31 G0B B . -1.95 3.83 -4.24
N32 G0B B . 0.09 4.80 -3.87
C52 G0B B . 5.00 -4.33 2.80
N53 G0B B . 4.18 -3.95 3.76
N54 G0B B . 6.30 -4.13 2.97
C56 G0B B . -3.03 -5.81 3.37
N57 G0B B . -3.49 -6.19 4.55
N58 G0B B . -3.87 -5.68 2.35
HN58 G0B B . -3.53 -5.41 1.45
HN5A G0B B . -4.86 -5.87 2.49
HN55 G0B B . -1.14 -5.66 4.03
H49 G0B B . -1.39 -5.78 1.17
H49A G0B B . -1.47 -4.11 1.74
H48 G0B B . 0.63 -4.51 3.05
H44 G0B B . 2.39 -3.36 2.17
H37 G0B B . 1.27 -1.91 0.47
H36 G0B B . 4.23 -1.30 0.79
HO41 G0B B . 3.29 -0.27 2.71
H35 G0B B . 3.94 0.87 0.08
H38 G0B B . 3.37 -1.69 -1.71
H39 G0B B . 1.24 -2.85 -2.34
H39A G0B B . 1.45 -1.32 -3.22
HO42 G0B B . -0.67 -1.61 -2.24
H23 G0B B . 2.59 2.59 -0.41
H24 G0B B . 0.80 3.29 1.96
HO33 G0B B . 3.10 2.73 2.30
HN25 G0B B . 0.11 6.18 1.55
HN28 G0B B . 2.32 8.18 3.33
HN2A G0B B . 0.67 7.95 2.82
H20 G0B B . 0.05 5.59 -1.02
H20A G0B B . -0.76 4.55 0.14
H21 G0B B . 1.23 3.63 -1.98
HN29 G0B B . -1.59 2.82 -1.98
HN32 G0B B . 0.02 5.27 -4.77
HN3A G0B B . 0.91 4.94 -3.29
H1 G0B B . 0.06 0.16 0.54
H5 G0B B . 0.43 -0.80 2.58
H6 G0B B . 0.13 -0.77 5.07
H6A G0B B . -0.67 0.80 4.95
HN12 G0B B . 1.40 1.77 4.16
HN15 G0B B . 3.59 2.00 4.73
HN1A G0B B . 4.44 0.64 5.44
H4 G0B B . -2.45 -0.36 3.52
HO17 G0B B . -2.37 -2.61 3.68
H3 G0B B . -1.52 -1.82 1.03
HO16 G0B B . -3.61 -2.18 2.28
H2 G0B B . -2.82 0.94 1.25
HN8 G0B B . -1.66 0.01 -1.28
HN11 G0B B . -4.80 -0.08 -2.80
HN1B G0B B . -3.07 -0.08 -3.05
H45 G0B B . 3.14 -5.74 0.41
HN51 G0B B . 5.25 -5.15 0.99
HN54 G0B B . 6.96 -4.40 2.26
HN5B G0B B . 6.62 -3.70 3.83
H46 G0B B . 2.75 -5.84 3.42
HO59 G0B B . 3.08 -7.84 1.37
H47 G0B B . 0.94 -6.97 1.25
HO60 G0B B . 1.05 -8.01 3.35
H22 G0B B . 0.57 1.35 -1.25
H19 G0B B . 2.22 5.06 -0.08
HN10 G0B B . -4.58 0.09 0.69
HN14 G0B B . 1.73 -1.52 5.44
HN27 G0B B . 3.57 5.47 1.52
HN31 G0B B . -2.00 4.29 -5.14
HN53 G0B B . 3.18 -4.07 3.67
HN57 G0B B . -4.48 -6.37 4.68
HN3B G0B B . -2.70 3.22 -3.93
HN2B G0B B . 3.97 6.87 2.49
HN5C G0B B . -2.86 -6.28 5.33
HN1C G0B B . -5.66 0.08 -0.68
HN5D G0B B . 4.57 -3.54 4.60
HN1D G0B B . 3.40 -1.26 5.89
C1 G0B B . -0.99 2.91 -0.76
O18 G0B B . -0.38 4.13 -0.39
C2 G0B B . -1.37 3.02 -2.24
N8 G0B B . -0.16 3.16 -3.07
C3 G0B B . -2.17 1.80 -2.68
O16 G0B B . -2.74 2.09 -3.96
C4 G0B B . -3.32 1.52 -1.73
O17 G0B B . -3.86 0.24 -2.08
C5 G0B B . -2.81 1.44 -0.29
O7 G0B B . -2.15 2.66 0.01
C6 G0B B . -3.92 1.27 0.74
C19 G0B B . 1.01 6.25 1.94
N25 G0B B . 0.40 7.43 2.59
C24 G0B B . 0.26 4.97 2.29
C23 G0B B . 0.91 3.77 1.62
O34 G0B B . 0.20 2.59 1.93
C22 G0B B . 0.94 3.96 0.11
C21 G0B B . 1.74 5.21 -0.15
N29 G0B B . 2.04 5.40 -1.56
C20 G0B B . 1.06 6.44 0.43
C35 G0B B . 1.08 1.48 2.10
C36 G0B B . 0.27 0.20 1.97
C37 G0B B . 0.63 -0.34 0.61
C38 G0B B . 2.07 0.13 0.49
O40 G0B B . 2.07 1.43 1.07
C39 G0B B . 2.59 0.18 -0.94
C47 G0B B . -1.14 -3.72 -2.63
C46 G0B B . -1.54 -4.21 -1.23
C45 G0B B . -0.58 -3.66 -0.19
C44 G0B B . -0.43 -2.16 -0.33
O43 G0B B . 0.56 -1.74 0.58
C48 G0B B . -1.03 -2.21 -2.62
O50 G0B B . -0.04 -1.85 -1.67
C49 G0B B . -0.63 -1.62 -3.97
N12 G0B B . -4.62 -0.02 0.61
O41 G0B B . -1.13 0.50 2.02
O59 G0B B . -1.45 -5.65 -1.23
O60 G0B B . -2.19 -4.09 -3.54
O42 G0B B . 1.77 1.08 -1.70
O33 G0B B . 0.35 4.78 3.71
N55 G0B B . 0.75 -1.99 -4.34
N51 G0B B . -1.08 -4.00 1.17
C9 G0B B . -0.12 3.78 -4.25
N10 G0B B . -1.22 4.30 -4.77
N11 G0B B . 1.02 3.90 -4.90
C13 G0B B . -4.31 -1.15 1.25
N14 G0B B . -5.06 -2.22 1.09
N15 G0B B . -3.26 -1.21 2.05
C26 G0B B . 0.97 8.64 2.67
N27 G0B B . 2.14 8.88 2.10
N28 G0B B . 0.36 9.61 3.33
C30 G0B B . 3.09 4.83 -2.17
N31 G0B B . 3.90 4.02 -1.52
N32 G0B B . 3.34 5.06 -3.45
C52 G0B B . -0.32 -4.36 2.20
N53 G0B B . 1.00 -4.49 2.09
N54 G0B B . -0.89 -4.61 3.36
C56 G0B B . 1.42 -1.41 -5.34
N57 G0B B . 0.87 -0.45 -6.07
N58 G0B B . 2.66 -1.80 -5.61
HN58 G0B B . 3.10 -2.53 -5.06
HN5A G0B B . 3.17 -1.37 -6.36
HN55 G0B B . 1.20 -2.71 -3.81
H49 G0B B . -0.70 -0.53 -3.92
H49A G0B B . -1.32 -1.97 -4.74
H48 G0B B . -1.99 -1.78 -2.32
H44 G0B B . -1.39 -1.66 -0.10
H37 G0B B . 0.01 0.12 -0.17
H36 G0B B . 0.54 -0.52 2.76
HO41 G0B B . -1.25 1.39 1.67
H35 G0B B . 1.57 1.53 3.09
H38 G0B B . 2.70 -0.52 1.09
H39 G0B B . 2.57 -0.81 -1.39
H39A G0B B . 3.63 0.55 -0.95
HO42 G0B B . 2.08 1.07 -2.62
H23 G0B B . 1.93 3.68 2.00
H24 G0B B . -0.80 5.06 1.99
HO33 G0B B . -0.17 4.01 3.97
HN25 G0B B . -0.51 7.29 3.01
HN28 G0B B . 0.78 10.52 3.36
HN2A G0B B . -0.52 9.44 3.80
H20 G0B B . 1.62 7.34 0.16
H20A G0B B . 0.05 6.55 0.03
H21 G0B B . 2.68 5.09 0.38
HN29 G0B B . 1.42 5.98 -2.11
HN32 G0B B . 4.14 4.63 -3.88
HN3A G0B B . 2.75 5.68 -3.98
H1 G0B B . -0.28 2.08 -0.62
H5 G0B B . -2.11 0.61 -0.21
H6 G0B B . -4.66 2.05 0.60
H6A G0B B . -3.51 1.34 1.74
HN12 G0B B . -5.42 -0.05 -0.02
HN15 G0B B . -2.64 -0.42 2.16
HN1A G0B B . -3.07 -2.06 2.57
H4 G0B B . -4.09 2.30 -1.81
HO17 G0B B . -4.29 0.29 -2.95
H3 G0B B . -1.52 0.93 -2.74
HO16 G0B B . -3.21 1.32 -4.30
H2 G0B B . -1.99 3.91 -2.35
HN8 G0B B . 0.70 2.76 -2.71
HN11 G0B B . 1.05 4.38 -5.79
HN1B G0B B . 1.86 3.49 -4.53
H45 G0B B . 0.39 -4.13 -0.33
HN51 G0B B . -2.07 -3.94 1.32
HN54 G0B B . -1.89 -4.48 3.47
HN5B G0B B . -0.33 -4.92 4.15
H46 G0B B . -2.57 -3.90 -1.01
HO59 G0B B . -1.71 -5.98 -0.36
H47 G0B B . -0.20 -4.18 -2.94
HO60 G0B B . -2.29 -5.05 -3.53
H22 G0B B . 1.41 3.10 -0.38
H19 G0B B . 2.03 6.16 2.32
HN10 G0B B . -1.16 4.80 -5.65
HN14 G0B B . -5.87 -2.16 0.49
HN27 G0B B . 2.64 8.16 1.61
HN31 G0B B . 4.70 3.61 -1.99
HN53 G0B B . 1.45 -4.30 1.20
HN57 G0B B . 1.40 -0.02 -6.81
HN3B G0B B . 3.75 3.81 -0.54
HN2B G0B B . 2.53 9.82 2.14
HN5C G0B B . -0.07 -0.15 -5.88
HN1C G0B B . -2.10 4.18 -4.30
HN5D G0B B . 1.54 -4.77 2.89
HN1D G0B B . -4.84 -3.08 1.56
C1 G0B B . -1.63 1.05 1.50
O18 G0B B . -0.51 1.81 1.11
C2 G0B B . -1.26 0.33 2.81
N8 G0B B . -0.91 1.30 3.86
C3 G0B B . -2.42 -0.55 3.26
O16 G0B B . -1.93 -1.43 4.28
C4 G0B B . -2.97 -1.40 2.12
O17 G0B B . -4.23 -1.93 2.56
C5 G0B B . -3.23 -0.54 0.90
O7 G0B B . -2.00 0.07 0.54
C6 G0B B . -3.71 -1.31 -0.32
C19 G0B B . 0.76 4.70 -0.32
N25 G0B B . 1.09 5.96 0.39
C24 G0B B . 1.56 3.51 0.20
C23 G0B B . 1.18 2.22 -0.48
O34 G0B B . 1.88 1.18 0.15
C22 G0B B . -0.31 1.95 -0.29
C21 G0B B . -1.11 3.13 -0.84
N29 G0B B . -2.56 2.93 -0.71
C20 G0B B . -0.72 4.42 -0.14
C35 G0B B . 2.12 0.03 -0.65
C36 G0B B . 2.10 -1.19 0.28
C37 G0B B . 0.80 -1.87 -0.06
C38 G0B B . 0.69 -1.55 -1.53
O40 G0B B . 1.13 -0.19 -1.63
C39 G0B B . -0.72 -1.69 -2.09
C47 G0B B . 2.02 -5.81 0.90
C46 G0B B . 2.48 -5.14 2.18
C45 G0B B . 1.87 -3.75 2.29
C44 G0B B . 0.58 -3.62 1.49
O43 G0B B . 0.89 -3.27 0.15
C48 G0B B . 0.49 -5.95 0.88
O50 G0B B . -0.13 -4.85 1.55
C49 G0B B . -0.11 -6.05 -0.51
N12 G0B B . -5.14 -1.64 -0.21
O41 G0B B . 2.08 -0.78 1.66
O59 G0B B . 3.91 -4.99 2.10
O60 G0B B . 2.56 -7.14 0.86
O42 G0B B . -0.70 -1.26 -3.46
O33 G0B B . 2.96 3.72 -0.07
N55 G0B B . 0.48 -7.18 -1.25
N51 G0B B . 1.67 -3.40 3.71
C9 G0B B . 0.31 1.79 4.08
N10 G0B B . 0.50 2.63 5.10
N11 G0B B . 1.34 1.48 3.32
C13 G0B B . -5.85 -2.26 -1.14
N14 G0B B . -5.29 -2.66 -2.28
N15 G0B B . -7.13 -2.48 -0.94
C26 G0B B . 2.15 6.72 0.14
N27 G0B B . 3.08 6.35 -0.73
N28 G0B B . 2.30 7.86 0.79
C30 G0B B . -3.28 2.16 -1.53
N31 G0B B . -4.59 2.04 -1.33
N32 G0B B . -2.73 1.50 -2.53
C52 G0B B . 2.62 -2.94 4.52
N53 G0B B . 3.86 -2.77 4.08
N54 G0B B . 2.34 -2.63 5.76
C56 G0B B . 0.00 -7.67 -2.39
N57 G0B B . -1.08 -7.15 -2.95
N58 G0B B . 0.61 -8.69 -2.97
HN58 G0B B . 1.43 -9.10 -2.55
HN5A G0B B . 0.25 -9.06 -3.84
HN55 G0B B . 1.30 -7.61 -0.85
H49 G0B B . 0.04 -5.13 -1.07
H49A G0B B . -1.19 -6.21 -0.42
H48 G0B B . 0.22 -6.84 1.43
H44 G0B B . -0.05 -2.84 1.93
H37 G0B B . -0.04 -1.44 0.49
H36 G0B B . 2.95 -1.85 0.08
HO41 G0B B . 2.89 -0.30 1.86
H35 G0B B . 3.11 0.11 -1.13
H38 G0B B . 1.38 -2.18 -2.09
H39 G0B B . -1.40 -1.06 -1.54
H39A G0B B . -1.05 -2.72 -2.04
HO42 G0B B . -0.08 -1.81 -3.96
H23 G0B B . 1.44 2.25 -1.55
H24 G0B B . 1.40 3.40 1.27
HO33 G0B B . 3.46 2.96 0.24
HN25 G0B B . 0.45 6.25 1.10
HN28 G0B B . 3.12 8.43 0.62
HN2A G0B B . 1.59 8.17 1.43
H20 G0B B . -1.31 5.27 -0.53
H20A G0B B . -0.95 4.34 0.93
H21 G0B B . -0.89 3.25 -1.91
HN29 G0B B . -3.02 3.41 0.04
HN32 G0B B . -3.30 0.93 -3.14
HN3A G0B B . -1.73 1.56 -2.69
H1 G0B B . -2.48 1.73 1.68
H5 G0B B . -3.96 0.24 1.13
H6 G0B B . -3.13 -2.23 -0.44
H6A G0B B . -3.55 -0.69 -1.20
HN12 G0B B . -5.61 -1.36 0.65
HN15 G0B B . -7.56 -2.16 -0.07
HN1A G0B B . -7.69 -2.96 -1.63
H4 G0B B . -2.28 -2.21 1.88
HO17 G0B B . -4.11 -2.44 3.37
H3 G0B B . -3.22 0.08 3.66
HO16 G0B B . -2.65 -2.00 4.59
H2 G0B B . -0.40 -0.32 2.61
HN8 G0B B . -1.66 1.61 4.47
HN11 G0B B . 2.25 1.86 3.53
HN1B G0B B . 1.21 0.86 2.52
H45 G0B B . 2.58 -3.03 1.87
HN51 G0B B . 0.74 -3.53 4.09
HN54 G0B B . 1.41 -2.79 6.12
HN5B G0B B . 3.07 -2.26 6.36
H46 G0B B . 2.21 -5.75 3.04
HO59 G0B B . 4.31 -5.85 1.97
H47 G0B B . 2.38 -5.25 0.03
HO60 G0B B . 2.31 -7.63 1.66
H22 G0B B . -0.60 1.03 -0.82
H19 G0B B . 0.97 4.85 -1.38
HN10 G0B B . -0.28 2.87 5.70
HN14 G0B B . -4.31 -2.50 -2.45
HN27 G0B B . 3.01 5.45 -1.19
HN31 G0B B . -5.15 1.47 -1.94
HN53 G0B B . 4.11 -3.01 3.13
HN57 G0B B . -1.43 -7.53 -3.82
HN3B G0B B . -5.03 2.55 -0.57
HN2B G0B B . 3.85 6.96 -0.94
HN5C G0B B . -1.56 -6.37 -2.52
HN1C G0B B . 1.40 3.01 5.27
HN5D G0B B . 4.55 -2.39 4.72
HN1D G0B B . -5.85 -3.14 -2.98
#